data_5T9J
#
_entry.id   5T9J
#
_cell.length_a   86.940
_cell.length_b   86.940
_cell.length_c   200.724
_cell.angle_alpha   90.000
_cell.angle_beta   90.000
_cell.angle_gamma   120.000
#
_symmetry.space_group_name_H-M   'P 32'
#
loop_
_entity.id
_entity.type
_entity.pdbx_description
1 polymer 'Flap endonuclease GEN homolog 1'
2 polymer "DNA (5'-D(*DGP*DAP*DAP*DTP*DTP*DCP*DCP*DGP*DGP*DAP*DTP*DTP*DAP*DGP*DGP*DGP*DAP*DTP*DGP*DC)-3')"
3 polymer "DNA (5'-D(*DGP*DCP*DAP*DTP*DCP*DCP*DCP*DTP*DAP*DAP*DGP*DCP*DTP*DCP*DCP*DAP*DTP*DCP*DGP*DT)-3')"
4 polymer "DNA (5'-D(*DAP*DCP*DGP*DAP*DTP*DGP*DGP*DAP*DGP*DCP*DCP*DGP*DCP*DTP*DAP*DGP*DGP*DCP*DTP*DC)-3')"
5 polymer "DNA (5'-D(*DGP*DAP*DGP*DCP*DCP*DTP*DAP*DGP*DCP*DGP*DTP*DCP*DCP*DGP*DGP*DAP*DAP*DTP*DTP*DC)-3')"
6 non-polymer GLYCEROL
7 non-polymer 'MAGNESIUM ION'
8 water water
#
loop_
_entity_poly.entity_id
_entity_poly.type
_entity_poly.pdbx_seq_one_letter_code
_entity_poly.pdbx_strand_id
1 'polypeptide(L)'
;MGVNDLWQILEPVKQHIPLRNLGGKTIAVNLSLWVCEAQTVKKMMGSVMKPHLRNLFFRISYLTQMDVKLVFVMEGEPPK
LKADVISKRNQTRYGSSGKSWSQKTGRSHFKSVLRECLHMLECLGIPWVQAAGEAEAMCAYLNAGGHVDGCLTNDGDTFL
YGAQTVYRNFTMNTKDPHVDCYTMSSIKSKLGLDRDALVGLAILLGCDYLPKGVPGVGKEQALKLIQILKGQSLLQRFNR
WNETSCNSSPQLLVTKKLAHCSVCSHPGSPKDHERNGCRLCKSDKYCEPHDYEYCCPCEWHRTEHDRQLNEVENNIKKKA
CCCEGFPFHEVIQEFLLNKDKLVKVIRYQRPDLLLFQRFTLEKMEWPNHYACEKLLVLLTHYDMIERKLGSRNSNQLQPI
RIVKTRIRNGVHCFEIEWEKPEHYAMEDKQHGEFALLTIEEESLFEAAYPEIVAVYQKQKLEIKGKKQKRIKPKENNLPE
PDEVMSFQSHMTLKPTCEIFHKQNSL
;
A,B
2 'polydeoxyribonucleotide' (DG)(DA)(DG)(DC)(DC)(DT)(DA)(DG)(DC)(DG)(DT)(DC)(DC)(DG)(DG)(DA)(DA)(DT)(DT)(DC) C
3 'polydeoxyribonucleotide' (DA)(DC)(DG)(DA)(DT)(DG)(DG)(DA)(DG)(DC)(DC)(DG)(DC)(DT)(DA)(DG)(DG)(DC)(DT)(DC) D
4 'polydeoxyribonucleotide' (DG)(DC)(DA)(DT)(DC)(DC)(DC)(DT)(DA)(DA)(DG)(DC)(DT)(DC)(DC)(DA)(DT)(DC)(DG)(DT) E
5 'polydeoxyribonucleotide' (DG)(DA)(DA)(DT)(DT)(DC)(DC)(DG)(DG)(DA)(DT)(DT)(DA)(DG)(DG)(DG)(DA)(DT)(DG)(DC) F
#
# COMPACT_ATOMS: atom_id res chain seq x y z
N GLY A 2 7.48 24.01 -45.21
CA GLY A 2 8.36 24.09 -44.07
C GLY A 2 8.75 25.51 -43.75
N VAL A 3 7.81 26.25 -43.15
CA VAL A 3 8.05 27.64 -42.82
C VAL A 3 9.04 27.71 -41.66
N ASN A 4 9.95 28.67 -41.72
CA ASN A 4 10.88 28.88 -40.62
C ASN A 4 10.13 29.49 -39.45
N ASP A 5 10.22 28.83 -38.29
CA ASP A 5 9.66 29.30 -37.02
C ASP A 5 8.13 29.32 -36.97
N LEU A 6 7.44 28.69 -37.93
CA LEU A 6 5.98 28.70 -37.88
C LEU A 6 5.46 27.92 -36.68
N TRP A 7 6.06 26.77 -36.38
CA TRP A 7 5.61 25.98 -35.23
C TRP A 7 5.77 26.77 -33.94
N GLN A 8 6.84 27.54 -33.84
CA GLN A 8 7.01 28.44 -32.69
C GLN A 8 5.87 29.44 -32.62
N ILE A 9 5.43 29.95 -33.78
CA ILE A 9 4.31 30.88 -33.81
C ILE A 9 3.04 30.19 -33.34
N LEU A 10 2.85 28.93 -33.72
CA LEU A 10 1.65 28.18 -33.39
C LEU A 10 1.73 27.48 -32.04
N GLU A 11 2.83 27.66 -31.29
CA GLU A 11 2.97 26.98 -30.01
C GLU A 11 1.88 27.33 -28.99
N PRO A 12 1.43 28.58 -28.84
CA PRO A 12 0.40 28.85 -27.83
C PRO A 12 -0.90 28.08 -28.05
N VAL A 13 -1.17 27.64 -29.28
CA VAL A 13 -2.41 26.91 -29.55
C VAL A 13 -2.26 25.42 -29.33
N LYS A 14 -1.06 24.87 -29.47
CA LYS A 14 -0.87 23.43 -29.43
C LYS A 14 -1.32 22.87 -28.09
N GLN A 15 -1.87 21.65 -28.13
CA GLN A 15 -2.37 20.99 -26.93
C GLN A 15 -1.78 19.60 -26.83
N HIS A 16 -1.17 19.30 -25.68
CA HIS A 16 -0.60 17.98 -25.43
C HIS A 16 -1.73 16.97 -25.26
N ILE A 17 -1.81 16.02 -26.19
CA ILE A 17 -2.88 15.03 -26.19
C ILE A 17 -2.28 13.64 -26.10
N PRO A 18 -2.53 12.89 -25.04
CA PRO A 18 -2.04 11.49 -24.97
C PRO A 18 -2.65 10.64 -26.07
N LEU A 19 -1.93 9.58 -26.43
CA LEU A 19 -2.33 8.75 -27.56
C LEU A 19 -3.64 8.03 -27.28
N ARG A 20 -3.88 7.59 -26.04
CA ARG A 20 -5.11 6.86 -25.74
C ARG A 20 -6.34 7.72 -26.00
N ASN A 21 -6.21 9.03 -25.92
CA ASN A 21 -7.32 9.95 -26.15
C ASN A 21 -7.66 10.12 -27.63
N LEU A 22 -6.93 9.47 -28.53
CA LEU A 22 -7.23 9.50 -29.95
C LEU A 22 -8.16 8.36 -30.37
N GLY A 23 -8.77 7.67 -29.41
CA GLY A 23 -9.62 6.55 -29.76
C GLY A 23 -10.83 6.98 -30.56
N GLY A 24 -11.20 6.16 -31.54
CA GLY A 24 -12.30 6.47 -32.42
C GLY A 24 -12.02 7.53 -33.46
N LYS A 25 -10.79 7.99 -33.57
CA LYS A 25 -10.39 9.00 -34.53
C LYS A 25 -9.60 8.37 -35.66
N THR A 26 -9.73 8.95 -36.86
CA THR A 26 -8.97 8.51 -38.02
C THR A 26 -7.96 9.59 -38.39
N ILE A 27 -6.73 9.16 -38.65
CA ILE A 27 -5.63 10.07 -38.93
C ILE A 27 -4.94 9.64 -40.21
N ALA A 28 -4.66 10.62 -41.08
CA ALA A 28 -3.80 10.39 -42.23
C ALA A 28 -2.34 10.48 -41.79
N VAL A 29 -1.51 9.60 -42.36
CA VAL A 29 -0.11 9.49 -41.97
C VAL A 29 0.76 9.74 -43.20
N ASN A 30 1.74 10.62 -43.04
CA ASN A 30 2.77 10.86 -44.05
C ASN A 30 3.78 9.73 -43.93
N LEU A 31 3.66 8.72 -44.79
CA LEU A 31 4.52 7.54 -44.69
C LEU A 31 5.99 7.90 -44.88
N SER A 32 6.27 8.84 -45.78
CA SER A 32 7.64 9.24 -46.07
C SER A 32 8.35 9.73 -44.81
N LEU A 33 7.66 10.55 -44.01
CA LEU A 33 8.28 11.09 -42.81
C LEU A 33 8.64 9.98 -41.82
N TRP A 34 7.78 8.96 -41.70
CA TRP A 34 8.10 7.84 -40.83
C TRP A 34 9.30 7.05 -41.35
N VAL A 35 9.36 6.84 -42.66
CA VAL A 35 10.47 6.08 -43.23
C VAL A 35 11.79 6.84 -43.03
N CYS A 36 11.80 8.14 -43.29
CA CYS A 36 13.00 8.94 -43.07
C CYS A 36 13.39 8.96 -41.61
N GLU A 37 12.41 9.14 -40.72
CA GLU A 37 12.68 9.11 -39.29
C GLU A 37 13.35 7.81 -38.89
N ALA A 38 12.85 6.68 -39.40
CA ALA A 38 13.49 5.40 -39.11
C ALA A 38 14.89 5.34 -39.68
N GLN A 39 15.10 5.94 -40.85
CA GLN A 39 16.45 5.98 -41.43
C GLN A 39 17.41 6.77 -40.56
N THR A 40 16.89 7.73 -39.78
CA THR A 40 17.74 8.56 -38.92
C THR A 40 18.31 7.80 -37.72
N VAL A 41 17.87 6.57 -37.46
CA VAL A 41 18.40 5.82 -36.32
C VAL A 41 19.88 5.49 -36.55
N LYS A 42 20.72 5.80 -35.57
CA LYS A 42 22.16 5.56 -35.67
C LYS A 42 22.71 4.59 -34.63
N LYS A 43 21.87 4.05 -33.73
CA LYS A 43 22.41 3.28 -32.62
C LYS A 43 22.92 1.91 -33.08
N MET A 44 22.12 1.19 -33.87
CA MET A 44 22.46 -0.18 -34.26
C MET A 44 23.50 -0.18 -35.37
N MET A 45 24.72 0.20 -35.01
CA MET A 45 25.76 0.38 -36.01
C MET A 45 26.16 -0.95 -36.66
N GLY A 46 26.45 -1.96 -35.84
CA GLY A 46 26.88 -3.23 -36.41
C GLY A 46 25.74 -4.01 -37.04
N SER A 47 24.56 -3.99 -36.41
CA SER A 47 23.39 -4.73 -36.86
C SER A 47 22.26 -3.74 -37.13
N VAL A 48 22.39 -2.98 -38.21
CA VAL A 48 21.36 -1.99 -38.57
C VAL A 48 20.35 -2.70 -39.45
N MET A 49 19.45 -3.44 -38.80
CA MET A 49 18.27 -3.93 -39.47
C MET A 49 17.36 -2.74 -39.80
N LYS A 50 16.69 -2.83 -40.94
CA LYS A 50 15.84 -1.74 -41.38
C LYS A 50 14.70 -1.52 -40.40
N PRO A 51 14.67 -0.39 -39.68
CA PRO A 51 13.55 -0.11 -38.77
C PRO A 51 12.37 0.59 -39.40
N HIS A 52 12.38 0.78 -40.73
CA HIS A 52 11.22 1.37 -41.40
C HIS A 52 9.99 0.48 -41.22
N LEU A 53 10.16 -0.82 -41.48
CA LEU A 53 9.05 -1.76 -41.35
C LEU A 53 8.73 -2.03 -39.89
N ARG A 54 9.75 -2.18 -39.05
CA ARG A 54 9.54 -2.51 -37.64
C ARG A 54 8.81 -1.40 -36.91
N ASN A 55 9.32 -0.16 -36.99
CA ASN A 55 8.64 0.96 -36.35
C ASN A 55 7.24 1.16 -36.91
N LEU A 56 7.09 1.04 -38.24
CA LEU A 56 5.77 1.14 -38.84
C LEU A 56 4.81 0.13 -38.22
N PHE A 57 5.24 -1.13 -38.12
CA PHE A 57 4.36 -2.17 -37.58
C PHE A 57 3.99 -1.89 -36.14
N PHE A 58 4.99 -1.63 -35.29
CA PHE A 58 4.69 -1.51 -33.87
C PHE A 58 3.90 -0.24 -33.56
N ARG A 59 4.14 0.84 -34.31
CA ARG A 59 3.28 2.02 -34.21
C ARG A 59 1.84 1.68 -34.60
N ILE A 60 1.69 0.96 -35.71
CA ILE A 60 0.35 0.57 -36.15
C ILE A 60 -0.34 -0.28 -35.09
N SER A 61 0.41 -1.21 -34.48
CA SER A 61 -0.17 -2.08 -33.46
C SER A 61 -0.60 -1.28 -32.23
N TYR A 62 0.26 -0.38 -31.76
CA TYR A 62 -0.08 0.40 -30.59
C TYR A 62 -1.29 1.30 -30.85
N LEU A 63 -1.30 1.99 -31.99
CA LEU A 63 -2.43 2.86 -32.31
C LEU A 63 -3.71 2.04 -32.48
N THR A 64 -3.61 0.87 -33.10
CA THR A 64 -4.77 0.00 -33.27
C THR A 64 -5.33 -0.43 -31.91
N GLN A 65 -4.46 -0.77 -30.97
CA GLN A 65 -4.94 -1.09 -29.62
C GLN A 65 -5.54 0.12 -28.92
N MET A 66 -5.17 1.33 -29.33
CA MET A 66 -5.81 2.55 -28.82
C MET A 66 -7.08 2.90 -29.56
N ASP A 67 -7.59 1.98 -30.40
CA ASP A 67 -8.78 2.23 -31.22
C ASP A 67 -8.58 3.44 -32.12
N VAL A 68 -7.47 3.45 -32.83
CA VAL A 68 -7.11 4.53 -33.75
C VAL A 68 -6.95 3.92 -35.13
N LYS A 69 -7.82 4.29 -36.06
CA LYS A 69 -7.73 3.84 -37.43
C LYS A 69 -6.84 4.78 -38.23
N LEU A 70 -6.19 4.22 -39.25
CA LEU A 70 -5.18 4.95 -40.00
C LEU A 70 -5.39 4.80 -41.49
N VAL A 71 -4.96 5.81 -42.24
CA VAL A 71 -4.77 5.71 -43.68
C VAL A 71 -3.44 6.39 -44.01
N PHE A 72 -2.58 5.68 -44.73
CA PHE A 72 -1.26 6.16 -45.05
C PHE A 72 -1.24 6.79 -46.43
N VAL A 73 -0.55 7.93 -46.55
CA VAL A 73 -0.45 8.68 -47.80
C VAL A 73 0.88 8.33 -48.45
N MET A 74 0.81 7.86 -49.70
CA MET A 74 2.00 7.55 -50.48
C MET A 74 2.40 8.77 -51.31
N GLU A 75 3.61 9.26 -51.09
CA GLU A 75 4.08 10.48 -51.72
C GLU A 75 4.22 10.30 -53.23
N GLY A 76 3.98 11.38 -53.97
CA GLY A 76 4.14 11.37 -55.41
C GLY A 76 5.38 12.09 -55.90
N GLU A 77 5.21 13.01 -56.86
CA GLU A 77 6.29 13.82 -57.39
C GLU A 77 6.08 15.30 -57.07
N PRO A 78 7.12 16.02 -56.64
CA PRO A 78 6.95 17.45 -56.36
C PRO A 78 6.75 18.22 -57.65
N PRO A 79 6.01 19.33 -57.61
CA PRO A 79 5.75 20.07 -58.86
C PRO A 79 6.96 20.78 -59.41
N LYS A 80 7.74 21.44 -58.55
CA LYS A 80 8.94 22.14 -58.95
C LYS A 80 10.15 21.55 -58.25
N LEU A 81 11.29 21.62 -58.91
CA LEU A 81 12.54 21.07 -58.38
C LEU A 81 12.97 21.81 -57.12
N GLN A 91 20.43 22.75 -60.69
CA GLN A 91 20.99 22.75 -62.03
C GLN A 91 22.30 23.56 -62.05
N THR A 92 22.87 23.78 -60.87
CA THR A 92 24.12 24.50 -60.75
C THR A 92 25.34 23.69 -61.17
N ARG A 93 25.13 22.47 -61.70
CA ARG A 93 26.21 21.56 -62.09
C ARG A 93 27.17 21.30 -60.93
N TYR A 94 26.65 21.28 -59.71
CA TYR A 94 27.47 20.97 -58.53
C TYR A 94 26.81 19.81 -57.81
N GLY A 95 27.22 19.58 -56.56
CA GLY A 95 26.53 18.65 -55.70
C GLY A 95 25.15 19.12 -55.32
N SER A 96 24.90 20.42 -55.42
CA SER A 96 23.61 21.00 -55.03
C SER A 96 22.49 20.46 -55.91
N SER A 97 22.77 20.20 -57.17
CA SER A 97 21.75 19.62 -58.04
C SER A 97 21.48 18.19 -57.58
N GLY A 98 20.20 17.81 -57.53
CA GLY A 98 19.83 16.50 -57.04
C GLY A 98 20.32 15.33 -57.87
N LYS A 99 20.73 15.58 -59.11
CA LYS A 99 21.20 14.49 -59.97
C LYS A 99 22.65 14.14 -59.61
N SER A 100 22.85 12.88 -59.21
CA SER A 100 24.13 12.36 -58.78
C SER A 100 23.97 10.89 -58.49
N TRP A 101 25.01 10.08 -58.67
CA TRP A 101 24.84 8.64 -58.53
C TRP A 101 24.39 8.28 -57.12
N SER A 102 25.10 8.78 -56.11
CA SER A 102 24.72 8.51 -54.73
C SER A 102 23.32 9.04 -54.43
N GLN A 103 23.02 10.25 -54.93
CA GLN A 103 21.71 10.84 -54.69
C GLN A 103 20.60 10.07 -55.40
N LYS A 104 20.79 9.78 -56.68
CA LYS A 104 19.77 9.06 -57.44
C LYS A 104 19.53 7.67 -56.86
N THR A 105 20.60 6.89 -56.68
CA THR A 105 20.45 5.54 -56.15
C THR A 105 19.86 5.55 -54.75
N GLY A 106 20.26 6.53 -53.93
CA GLY A 106 19.65 6.66 -52.62
C GLY A 106 18.16 6.92 -52.69
N ARG A 107 17.74 7.78 -53.62
CA ARG A 107 16.31 8.04 -53.81
C ARG A 107 15.60 6.77 -54.26
N SER A 108 16.24 5.97 -55.11
CA SER A 108 15.65 4.71 -55.53
C SER A 108 15.49 3.76 -54.35
N HIS A 109 16.48 3.71 -53.46
CA HIS A 109 16.36 2.90 -52.25
C HIS A 109 15.20 3.38 -51.39
N PHE A 110 15.05 4.70 -51.25
CA PHE A 110 13.94 5.25 -50.49
C PHE A 110 12.60 4.81 -51.07
N LYS A 111 12.45 4.92 -52.40
CA LYS A 111 11.22 4.48 -53.04
C LYS A 111 10.98 2.98 -52.80
N SER A 112 12.05 2.18 -52.85
CA SER A 112 11.90 0.75 -52.60
C SER A 112 11.40 0.48 -51.19
N VAL A 113 11.94 1.18 -50.20
CA VAL A 113 11.46 1.04 -48.83
C VAL A 113 9.99 1.42 -48.75
N LEU A 114 9.60 2.50 -49.43
CA LEU A 114 8.18 2.87 -49.48
C LEU A 114 7.34 1.73 -50.04
N ARG A 115 7.82 1.09 -51.11
CA ARG A 115 7.06 -0.01 -51.71
C ARG A 115 6.90 -1.16 -50.71
N GLU A 116 7.96 -1.49 -49.98
CA GLU A 116 7.87 -2.54 -48.97
C GLU A 116 6.86 -2.17 -47.89
N CYS A 117 6.90 -0.92 -47.42
CA CYS A 117 5.94 -0.48 -46.42
C CYS A 117 4.51 -0.60 -46.94
N LEU A 118 4.28 -0.23 -48.20
CA LEU A 118 2.97 -0.46 -48.80
C LEU A 118 2.59 -1.93 -48.75
N HIS A 119 3.55 -2.82 -49.05
CA HIS A 119 3.28 -4.25 -48.99
C HIS A 119 2.84 -4.68 -47.60
N MET A 120 3.54 -4.22 -46.57
CA MET A 120 3.14 -4.57 -45.21
C MET A 120 1.77 -4.00 -44.87
N LEU A 121 1.48 -2.78 -45.32
CA LEU A 121 0.15 -2.21 -45.12
C LEU A 121 -0.92 -3.13 -45.71
N GLU A 122 -0.66 -3.65 -46.91
CA GLU A 122 -1.62 -4.57 -47.52
C GLU A 122 -1.74 -5.86 -46.72
N CYS A 123 -0.60 -6.39 -46.23
CA CYS A 123 -0.65 -7.57 -45.37
C CYS A 123 -1.52 -7.32 -44.14
N LEU A 124 -1.40 -6.14 -43.53
CA LEU A 124 -2.18 -5.77 -42.36
C LEU A 124 -3.61 -5.38 -42.70
N GLY A 125 -3.92 -5.17 -43.98
CA GLY A 125 -5.26 -4.74 -44.37
C GLY A 125 -5.56 -3.29 -44.06
N ILE A 126 -4.53 -2.46 -43.98
CA ILE A 126 -4.69 -1.04 -43.69
C ILE A 126 -4.61 -0.27 -45.01
N PRO A 127 -5.53 0.65 -45.28
CA PRO A 127 -5.54 1.33 -46.58
C PRO A 127 -4.44 2.37 -46.70
N TRP A 128 -3.96 2.52 -47.94
CA TRP A 128 -3.06 3.60 -48.30
C TRP A 128 -3.55 4.23 -49.60
N VAL A 129 -3.40 5.55 -49.69
CA VAL A 129 -3.84 6.30 -50.86
C VAL A 129 -2.60 6.78 -51.60
N GLN A 130 -2.81 7.19 -52.86
CA GLN A 130 -1.74 7.71 -53.70
C GLN A 130 -1.90 9.21 -53.82
N ALA A 131 -0.89 9.96 -53.40
CA ALA A 131 -0.87 11.40 -53.55
C ALA A 131 -0.36 11.78 -54.93
N ALA A 132 -0.90 12.87 -55.47
CA ALA A 132 -0.40 13.39 -56.73
C ALA A 132 1.00 13.97 -56.55
N GLY A 133 1.18 14.80 -55.53
CA GLY A 133 2.47 15.43 -55.29
C GLY A 133 2.97 15.18 -53.88
N GLU A 134 3.17 16.24 -53.11
CA GLU A 134 3.58 16.11 -51.72
C GLU A 134 2.48 15.45 -50.89
N ALA A 135 2.91 14.56 -49.98
CA ALA A 135 1.97 13.81 -49.16
C ALA A 135 1.12 14.74 -48.30
N GLU A 136 1.70 15.83 -47.81
CA GLU A 136 0.98 16.76 -46.95
C GLU A 136 -0.29 17.27 -47.63
N ALA A 137 -0.21 17.54 -48.93
CA ALA A 137 -1.38 17.97 -49.68
C ALA A 137 -2.49 16.93 -49.62
N MET A 138 -2.14 15.66 -49.78
CA MET A 138 -3.15 14.60 -49.72
C MET A 138 -3.70 14.43 -48.31
N CYS A 139 -2.85 14.60 -47.29
CA CYS A 139 -3.32 14.58 -45.91
C CYS A 139 -4.38 15.66 -45.69
N ALA A 140 -4.08 16.90 -46.09
CA ALA A 140 -5.05 17.98 -45.94
C ALA A 140 -6.28 17.74 -46.80
N TYR A 141 -6.13 17.06 -47.93
CA TYR A 141 -7.30 16.70 -48.74
C TYR A 141 -8.21 15.73 -48.01
N LEU A 142 -7.62 14.72 -47.36
CA LEU A 142 -8.41 13.77 -46.58
C LEU A 142 -9.08 14.46 -45.40
N ASN A 143 -8.36 15.36 -44.73
CA ASN A 143 -8.92 16.03 -43.56
C ASN A 143 -10.04 16.98 -43.95
N ALA A 144 -9.82 17.80 -44.98
CA ALA A 144 -10.84 18.74 -45.41
C ALA A 144 -12.06 18.03 -46.00
N GLY A 145 -11.86 16.85 -46.58
CA GLY A 145 -12.97 16.09 -47.12
C GLY A 145 -13.72 15.23 -46.12
N GLY A 146 -13.34 15.29 -44.84
CA GLY A 146 -13.99 14.48 -43.84
C GLY A 146 -13.62 13.02 -43.87
N HIS A 147 -12.60 12.64 -44.64
CA HIS A 147 -12.19 11.24 -44.68
C HIS A 147 -11.39 10.84 -43.45
N VAL A 148 -10.65 11.78 -42.86
CA VAL A 148 -9.89 11.54 -41.64
C VAL A 148 -10.13 12.68 -40.66
N ASP A 149 -9.92 12.38 -39.38
CA ASP A 149 -10.10 13.37 -38.34
C ASP A 149 -8.85 14.22 -38.12
N GLY A 150 -7.66 13.70 -38.43
CA GLY A 150 -6.45 14.48 -38.26
C GLY A 150 -5.37 14.10 -39.25
N CYS A 151 -4.32 14.92 -39.27
CA CYS A 151 -3.14 14.69 -40.08
C CYS A 151 -1.92 14.63 -39.18
N LEU A 152 -1.11 13.58 -39.35
CA LEU A 152 0.08 13.39 -38.53
C LEU A 152 1.32 13.76 -39.32
N THR A 153 2.08 14.73 -38.82
CA THR A 153 3.30 15.18 -39.47
C THR A 153 4.22 15.81 -38.44
N ASN A 154 5.52 15.49 -38.52
CA ASN A 154 6.49 16.13 -37.65
C ASN A 154 6.68 17.59 -38.01
N ASP A 155 6.69 17.90 -39.31
CA ASP A 155 6.75 19.27 -39.79
C ASP A 155 6.28 19.29 -41.23
N GLY A 156 5.41 20.23 -41.56
CA GLY A 156 4.87 20.29 -42.91
C GLY A 156 3.95 21.49 -43.04
N ASP A 157 3.52 21.71 -44.28
CA ASP A 157 2.61 22.80 -44.62
C ASP A 157 1.17 22.33 -44.74
N THR A 158 0.77 21.39 -43.90
CA THR A 158 -0.54 20.76 -44.03
C THR A 158 -1.67 21.78 -43.87
N PHE A 159 -1.50 22.74 -42.97
CA PHE A 159 -2.49 23.81 -42.83
C PHE A 159 -2.59 24.65 -44.09
N LEU A 160 -1.46 24.84 -44.78
CA LEU A 160 -1.48 25.62 -46.02
C LEU A 160 -2.23 24.90 -47.13
N TYR A 161 -2.31 23.57 -47.07
CA TYR A 161 -3.10 22.81 -48.02
C TYR A 161 -4.54 22.62 -47.57
N GLY A 162 -4.94 23.25 -46.47
CA GLY A 162 -6.34 23.29 -46.06
C GLY A 162 -6.73 22.33 -44.95
N ALA A 163 -5.78 21.76 -44.23
CA ALA A 163 -6.13 20.88 -43.13
C ALA A 163 -6.67 21.67 -41.95
N GLN A 164 -7.58 21.05 -41.20
CA GLN A 164 -8.15 21.64 -40.01
C GLN A 164 -7.45 21.21 -38.73
N THR A 165 -7.02 19.95 -38.65
CA THR A 165 -6.39 19.40 -37.46
C THR A 165 -5.08 18.75 -37.86
N VAL A 166 -4.01 19.03 -37.11
CA VAL A 166 -2.68 18.51 -37.40
C VAL A 166 -2.07 18.01 -36.09
N TYR A 167 -1.56 16.77 -36.12
CA TYR A 167 -0.89 16.17 -34.97
C TYR A 167 0.61 16.11 -35.23
N ARG A 168 1.39 16.38 -34.19
CA ARG A 168 2.82 16.59 -34.34
C ARG A 168 3.56 15.89 -33.20
N ASN A 169 4.84 15.59 -33.44
CA ASN A 169 5.73 15.06 -32.41
C ASN A 169 5.23 13.74 -31.82
N PHE A 170 4.92 12.80 -32.71
CA PHE A 170 4.50 11.47 -32.26
C PHE A 170 5.65 10.78 -31.53
N THR A 171 5.34 10.14 -30.42
CA THR A 171 6.33 9.35 -29.70
C THR A 171 5.62 8.33 -28.82
N MET A 172 6.27 7.18 -28.63
CA MET A 172 5.72 6.07 -27.87
C MET A 172 6.48 5.81 -26.57
N ASN A 173 7.11 6.86 -26.03
CA ASN A 173 7.82 6.71 -24.75
C ASN A 173 6.86 6.22 -23.67
N THR A 174 7.32 5.26 -22.87
CA THR A 174 6.48 4.67 -21.83
C THR A 174 5.85 5.75 -20.96
N LYS A 175 6.61 6.78 -20.62
CA LYS A 175 6.07 7.95 -19.95
C LYS A 175 5.78 9.02 -20.99
N ASP A 176 4.58 9.60 -20.93
CA ASP A 176 4.13 10.67 -21.81
C ASP A 176 4.07 10.25 -23.28
N PRO A 177 3.29 9.23 -23.65
CA PRO A 177 2.97 9.04 -25.07
C PRO A 177 1.94 10.07 -25.48
N HIS A 178 2.19 10.78 -26.57
CA HIS A 178 1.37 11.94 -26.87
C HIS A 178 1.60 12.40 -28.30
N VAL A 179 0.73 13.32 -28.72
CA VAL A 179 0.93 14.15 -29.90
C VAL A 179 0.51 15.57 -29.55
N ASP A 180 1.22 16.54 -30.09
CA ASP A 180 0.83 17.94 -29.97
C ASP A 180 -0.21 18.25 -31.04
N CYS A 181 -1.37 18.73 -30.62
CA CYS A 181 -2.48 18.97 -31.52
C CYS A 181 -2.61 20.44 -31.87
N TYR A 182 -2.87 20.72 -33.14
CA TYR A 182 -3.08 22.07 -33.65
C TYR A 182 -4.39 22.05 -34.44
N THR A 183 -5.40 22.74 -33.95
CA THR A 183 -6.67 22.86 -34.64
C THR A 183 -6.79 24.24 -35.29
N MET A 184 -7.35 24.27 -36.50
CA MET A 184 -7.44 25.52 -37.25
C MET A 184 -8.38 26.50 -36.57
N SER A 185 -9.49 26.02 -36.01
CA SER A 185 -10.43 26.91 -35.34
C SER A 185 -9.78 27.64 -34.17
N SER A 186 -9.02 26.91 -33.35
CA SER A 186 -8.31 27.54 -32.25
C SER A 186 -7.19 28.46 -32.72
N ILE A 187 -6.70 28.29 -33.95
CA ILE A 187 -5.76 29.24 -34.51
C ILE A 187 -6.47 30.53 -34.87
N LYS A 188 -7.65 30.42 -35.49
CA LYS A 188 -8.40 31.60 -35.88
C LYS A 188 -8.99 32.33 -34.67
N SER A 189 -9.22 31.62 -33.57
CA SER A 189 -9.82 32.23 -32.40
C SER A 189 -8.76 32.74 -31.42
N LYS A 190 -7.77 31.91 -31.09
CA LYS A 190 -6.75 32.31 -30.13
C LYS A 190 -5.66 33.16 -30.77
N LEU A 191 -5.29 32.85 -32.02
CA LEU A 191 -4.27 33.62 -32.72
C LEU A 191 -4.81 34.51 -33.82
N GLY A 192 -6.05 34.30 -34.25
CA GLY A 192 -6.62 35.12 -35.30
C GLY A 192 -5.96 34.95 -36.64
N LEU A 193 -5.64 33.72 -37.02
CA LEU A 193 -4.95 33.44 -38.28
C LEU A 193 -5.82 32.53 -39.14
N ASP A 194 -6.30 33.07 -40.26
CA ASP A 194 -7.01 32.29 -41.26
C ASP A 194 -6.00 31.56 -42.14
N ARG A 195 -6.51 30.73 -43.05
CA ARG A 195 -5.63 29.97 -43.92
C ARG A 195 -4.80 30.88 -44.82
N ASP A 196 -5.43 31.92 -45.38
CA ASP A 196 -4.69 32.87 -46.22
C ASP A 196 -3.62 33.59 -45.41
N ALA A 197 -3.93 33.92 -44.15
CA ALA A 197 -2.92 34.54 -43.29
C ALA A 197 -1.72 33.64 -43.10
N LEU A 198 -1.96 32.33 -42.89
CA LEU A 198 -0.86 31.39 -42.79
C LEU A 198 -0.07 31.31 -44.09
N VAL A 199 -0.77 31.35 -45.23
CA VAL A 199 -0.09 31.31 -46.52
C VAL A 199 0.85 32.51 -46.67
N GLY A 200 0.33 33.71 -46.43
CA GLY A 200 1.16 34.90 -46.54
C GLY A 200 2.33 34.90 -45.56
N LEU A 201 2.07 34.42 -44.33
CA LEU A 201 3.14 34.25 -43.36
C LEU A 201 4.23 33.34 -43.92
N ALA A 202 3.81 32.23 -44.56
CA ALA A 202 4.78 31.35 -45.22
C ALA A 202 5.47 32.05 -46.37
N ILE A 203 4.83 33.04 -46.98
CA ILE A 203 5.45 33.77 -48.09
C ILE A 203 6.61 34.61 -47.58
N LEU A 204 6.34 35.47 -46.60
CA LEU A 204 7.39 36.36 -46.13
C LEU A 204 8.45 35.61 -45.33
N LEU A 205 8.05 34.59 -44.57
CA LEU A 205 9.00 33.79 -43.80
C LEU A 205 9.67 32.70 -44.63
N GLY A 206 9.12 32.33 -45.78
CA GLY A 206 9.76 31.27 -46.55
C GLY A 206 9.21 29.90 -46.21
N CYS A 207 9.25 29.02 -47.21
CA CYS A 207 8.66 27.67 -47.13
C CYS A 207 9.71 26.63 -47.50
N ASP A 208 9.28 25.37 -47.55
CA ASP A 208 10.13 24.32 -48.12
C ASP A 208 10.58 24.66 -49.52
N TYR A 209 9.79 25.46 -50.25
CA TYR A 209 10.20 25.91 -51.57
C TYR A 209 11.16 27.09 -51.49
N LEU A 210 10.98 27.97 -50.50
CA LEU A 210 11.81 29.16 -50.36
C LEU A 210 12.46 29.18 -48.98
N PRO A 211 13.75 28.88 -48.86
CA PRO A 211 14.38 28.82 -47.53
C PRO A 211 14.58 30.19 -46.89
N LYS A 212 14.46 31.27 -47.67
CA LYS A 212 14.76 32.60 -47.18
C LYS A 212 13.65 33.12 -46.28
N GLY A 213 14.03 33.61 -45.11
CA GLY A 213 13.10 34.23 -44.19
C GLY A 213 13.18 35.74 -44.31
N VAL A 214 14.32 36.22 -44.79
CA VAL A 214 14.56 37.64 -44.97
C VAL A 214 13.86 38.09 -46.26
N PRO A 215 13.70 39.42 -46.46
CA PRO A 215 14.10 40.56 -45.62
C PRO A 215 13.18 40.76 -44.43
N GLY A 216 11.91 40.39 -44.56
CA GLY A 216 10.98 40.51 -43.45
C GLY A 216 11.51 39.76 -42.24
N VAL A 217 11.55 40.43 -41.08
CA VAL A 217 12.09 39.77 -39.89
C VAL A 217 11.10 38.75 -39.34
N GLY A 218 9.80 38.95 -39.56
CA GLY A 218 8.79 38.04 -39.07
C GLY A 218 8.26 38.40 -37.69
N LYS A 219 9.05 39.08 -36.88
CA LYS A 219 8.57 39.52 -35.57
C LYS A 219 7.52 40.62 -35.70
N GLU A 220 7.60 41.43 -36.75
CA GLU A 220 6.65 42.49 -37.01
C GLU A 220 5.54 42.07 -37.96
N GLN A 221 5.69 40.93 -38.65
CA GLN A 221 4.62 40.44 -39.51
C GLN A 221 3.36 40.15 -38.71
N ALA A 222 3.52 39.58 -37.51
CA ALA A 222 2.39 39.41 -36.61
C ALA A 222 1.77 40.76 -36.25
N LEU A 223 2.60 41.80 -36.14
CA LEU A 223 2.07 43.14 -35.90
C LEU A 223 1.26 43.63 -37.10
N LYS A 224 1.67 43.27 -38.32
CA LYS A 224 0.85 43.62 -39.49
C LYS A 224 -0.48 42.89 -39.44
N LEU A 225 -0.46 41.60 -39.06
CA LEU A 225 -1.69 40.85 -38.91
C LEU A 225 -2.60 41.47 -37.86
N ILE A 226 -2.01 42.01 -36.78
CA ILE A 226 -2.79 42.76 -35.81
C ILE A 226 -3.34 44.04 -36.44
N GLN A 227 -2.58 44.64 -37.36
CA GLN A 227 -3.04 45.87 -38.01
C GLN A 227 -4.30 45.62 -38.83
N ILE A 228 -4.21 44.77 -39.84
CA ILE A 228 -5.34 44.52 -40.74
C ILE A 228 -6.12 43.30 -40.26
N LEU A 229 -7.44 43.45 -40.19
CA LEU A 229 -8.32 42.36 -39.77
C LEU A 229 -9.13 41.76 -40.91
N LYS A 230 -9.27 42.45 -42.03
CA LYS A 230 -10.18 42.02 -43.08
C LYS A 230 -9.54 40.98 -44.01
N GLY A 231 -8.43 41.35 -44.65
CA GLY A 231 -7.83 40.49 -45.65
C GLY A 231 -6.32 40.48 -45.52
N GLN A 232 -5.70 39.49 -46.16
CA GLN A 232 -4.26 39.32 -46.03
C GLN A 232 -3.54 39.27 -47.38
N SER A 233 -3.95 38.35 -48.27
CA SER A 233 -3.25 38.20 -49.54
C SER A 233 -3.59 39.35 -50.50
N LEU A 234 -4.83 39.83 -50.47
CA LEU A 234 -5.21 40.94 -51.34
C LEU A 234 -4.36 42.17 -51.05
N LEU A 235 -4.06 42.41 -49.76
CA LEU A 235 -3.20 43.54 -49.42
C LEU A 235 -1.79 43.33 -49.95
N GLN A 236 -1.33 42.09 -50.03
CA GLN A 236 -0.07 41.85 -50.71
C GLN A 236 -0.20 42.08 -52.20
N ARG A 237 -1.42 42.04 -52.73
CA ARG A 237 -1.65 42.25 -54.14
C ARG A 237 -1.58 43.72 -54.53
N PHE A 238 -2.25 44.59 -53.77
CA PHE A 238 -2.26 45.99 -54.20
C PHE A 238 -0.85 46.58 -54.23
N ASN A 239 0.11 45.91 -53.58
CA ASN A 239 1.49 46.42 -53.58
C ASN A 239 2.09 46.41 -54.98
N ARG A 240 1.71 45.45 -55.83
CA ARG A 240 2.19 45.48 -57.21
C ARG A 240 1.75 46.75 -57.93
N TRP A 241 0.49 47.15 -57.72
CA TRP A 241 0.04 48.43 -58.24
C TRP A 241 0.76 49.59 -57.57
N ASN A 242 1.12 49.43 -56.30
CA ASN A 242 1.92 50.42 -55.59
C ASN A 242 3.33 50.51 -56.18
N ASN A 310 5.46 53.60 -38.87
CA ASN A 310 4.36 52.66 -38.65
C ASN A 310 4.04 51.91 -39.94
N GLU A 311 2.94 52.29 -40.59
CA GLU A 311 2.57 51.66 -41.85
C GLU A 311 3.62 51.93 -42.92
N VAL A 312 4.14 53.15 -42.98
CA VAL A 312 5.19 53.45 -43.95
C VAL A 312 6.48 52.70 -43.65
N GLU A 313 6.79 52.44 -42.38
CA GLU A 313 8.03 51.74 -42.04
C GLU A 313 7.94 50.25 -42.30
N ASN A 314 6.89 49.60 -41.78
CA ASN A 314 6.69 48.18 -42.09
C ASN A 314 6.52 47.99 -43.59
N ASN A 315 5.88 48.97 -44.25
CA ASN A 315 5.81 48.98 -45.70
C ASN A 315 7.16 49.26 -46.34
N ILE A 316 8.12 49.82 -45.60
CA ILE A 316 9.47 49.98 -46.14
C ILE A 316 10.22 48.66 -46.12
N LYS A 317 10.14 47.92 -45.01
CA LYS A 317 10.64 46.55 -45.04
C LYS A 317 9.92 45.74 -46.12
N LYS A 318 8.61 45.97 -46.26
CA LYS A 318 7.85 45.35 -47.35
C LYS A 318 8.38 45.78 -48.70
N LYS A 319 8.90 47.01 -48.82
CA LYS A 319 9.54 47.43 -50.06
C LYS A 319 10.84 46.67 -50.29
N ALA A 320 11.62 46.44 -49.24
CA ALA A 320 12.77 45.56 -49.36
C ALA A 320 12.35 44.19 -49.85
N CYS A 321 11.12 43.75 -49.52
CA CYS A 321 10.58 42.56 -50.16
C CYS A 321 10.09 42.83 -51.58
N CYS A 322 9.68 44.06 -51.89
CA CYS A 322 9.16 44.38 -53.22
C CYS A 322 10.25 44.36 -54.28
N CYS A 323 11.48 44.75 -53.93
CA CYS A 323 12.56 44.69 -54.91
C CYS A 323 12.82 43.27 -55.40
N GLU A 324 12.29 42.26 -54.72
CA GLU A 324 12.45 40.88 -55.17
C GLU A 324 11.63 40.61 -56.43
N GLY A 325 10.43 41.20 -56.52
CA GLY A 325 9.62 41.09 -57.72
C GLY A 325 8.45 40.14 -57.66
N PHE A 326 7.99 39.77 -56.48
CA PHE A 326 6.91 38.81 -56.29
C PHE A 326 7.08 37.55 -57.12
N PRO A 327 8.14 36.76 -56.89
CA PRO A 327 8.26 35.46 -57.54
C PRO A 327 7.47 34.35 -56.86
N PHE A 328 6.93 34.62 -55.68
CA PHE A 328 6.26 33.63 -54.84
C PHE A 328 4.78 33.45 -55.17
N HIS A 329 4.23 34.24 -56.11
CA HIS A 329 2.84 34.09 -56.49
C HIS A 329 2.56 32.68 -57.00
N GLU A 330 3.48 32.16 -57.82
CA GLU A 330 3.36 30.79 -58.32
C GLU A 330 3.31 29.81 -57.15
N VAL A 331 4.07 30.09 -56.09
CA VAL A 331 4.02 29.24 -54.91
C VAL A 331 2.65 29.34 -54.25
N ILE A 332 2.07 30.54 -54.22
CA ILE A 332 0.73 30.71 -53.66
C ILE A 332 -0.25 29.80 -54.37
N GLN A 333 -0.29 29.89 -55.70
CA GLN A 333 -1.24 29.06 -56.44
C GLN A 333 -0.88 27.57 -56.36
N GLU A 334 0.39 27.24 -56.10
CA GLU A 334 0.72 25.86 -55.80
C GLU A 334 0.07 25.40 -54.49
N PHE A 335 0.04 26.26 -53.47
CA PHE A 335 -0.59 25.88 -52.22
C PHE A 335 -2.09 25.79 -52.36
N LEU A 336 -2.70 26.69 -53.13
CA LEU A 336 -4.15 26.73 -53.19
C LEU A 336 -4.73 25.68 -54.13
N LEU A 337 -4.02 25.35 -55.21
CA LEU A 337 -4.51 24.35 -56.16
C LEU A 337 -4.57 22.97 -55.51
N ASN A 338 -5.68 22.27 -55.71
CA ASN A 338 -5.85 20.90 -55.24
C ASN A 338 -5.83 19.98 -56.45
N LYS A 339 -4.86 19.08 -56.49
CA LYS A 339 -4.74 18.08 -57.55
C LYS A 339 -5.04 16.67 -57.08
N ASP A 340 -5.17 16.45 -55.77
CA ASP A 340 -5.37 15.12 -55.22
C ASP A 340 -6.79 14.63 -55.42
N LYS A 341 -6.93 13.33 -55.69
CA LYS A 341 -8.21 12.70 -55.91
C LYS A 341 -8.19 11.30 -55.30
N LEU A 342 -9.39 10.74 -55.11
CA LEU A 342 -9.54 9.39 -54.58
C LEU A 342 -10.10 8.47 -55.66
N VAL A 343 -9.42 7.34 -55.87
CA VAL A 343 -9.83 6.38 -56.89
C VAL A 343 -10.83 5.36 -56.33
N LYS A 344 -10.61 4.89 -55.10
CA LYS A 344 -11.42 3.85 -54.51
C LYS A 344 -11.79 4.24 -53.08
N VAL A 345 -12.90 3.68 -52.60
CA VAL A 345 -13.34 3.94 -51.24
C VAL A 345 -12.30 3.41 -50.27
N ILE A 346 -12.02 4.20 -49.23
CA ILE A 346 -11.07 3.79 -48.20
C ILE A 346 -11.67 2.63 -47.43
N ARG A 347 -10.95 1.50 -47.39
CA ARG A 347 -11.48 0.28 -46.80
C ARG A 347 -10.41 -0.42 -45.96
N TYR A 348 -10.84 -1.07 -44.90
CA TYR A 348 -9.98 -1.85 -44.02
C TYR A 348 -10.34 -3.33 -44.16
N GLN A 349 -9.30 -4.18 -44.23
CA GLN A 349 -9.48 -5.60 -44.39
C GLN A 349 -8.81 -6.33 -43.22
N ARG A 350 -9.20 -7.58 -43.03
CA ARG A 350 -8.65 -8.38 -41.96
C ARG A 350 -7.19 -8.68 -42.23
N PRO A 351 -6.31 -8.60 -41.21
CA PRO A 351 -4.90 -8.90 -41.43
C PRO A 351 -4.71 -10.35 -41.87
N ASP A 352 -3.81 -10.54 -42.82
CA ASP A 352 -3.51 -11.88 -43.35
C ASP A 352 -2.36 -12.46 -42.55
N LEU A 353 -2.65 -13.51 -41.78
CA LEU A 353 -1.64 -14.14 -40.94
C LEU A 353 -0.56 -14.80 -41.79
N LEU A 354 -0.97 -15.49 -42.85
CA LEU A 354 -0.01 -16.20 -43.70
C LEU A 354 0.87 -15.21 -44.47
N LEU A 355 0.26 -14.25 -45.14
CA LEU A 355 1.02 -13.23 -45.88
C LEU A 355 1.91 -12.43 -44.94
N PHE A 356 1.45 -12.19 -43.71
CA PHE A 356 2.28 -11.44 -42.76
C PHE A 356 3.48 -12.26 -42.31
N GLN A 357 3.29 -13.57 -42.08
CA GLN A 357 4.43 -14.43 -41.77
C GLN A 357 5.44 -14.42 -42.91
N ARG A 358 4.96 -14.53 -44.14
CA ARG A 358 5.85 -14.55 -45.30
C ARG A 358 6.63 -13.24 -45.41
N PHE A 359 5.91 -12.11 -45.31
CA PHE A 359 6.55 -10.81 -45.47
C PHE A 359 7.55 -10.54 -44.37
N THR A 360 7.15 -10.70 -43.11
CA THR A 360 8.07 -10.44 -42.00
C THR A 360 9.25 -11.39 -42.02
N LEU A 361 9.04 -12.62 -42.51
CA LEU A 361 10.14 -13.57 -42.60
C LEU A 361 11.16 -13.11 -43.63
N GLU A 362 10.71 -12.88 -44.87
CA GLU A 362 11.67 -12.59 -45.94
C GLU A 362 12.23 -11.17 -45.83
N LYS A 363 11.51 -10.25 -45.20
CA LYS A 363 11.92 -8.85 -45.14
C LYS A 363 12.58 -8.46 -43.84
N MET A 364 12.15 -9.02 -42.71
CA MET A 364 12.72 -8.70 -41.41
C MET A 364 13.30 -9.91 -40.68
N GLU A 365 13.30 -11.09 -41.30
CA GLU A 365 13.82 -12.31 -40.69
C GLU A 365 13.10 -12.62 -39.38
N TRP A 366 11.78 -12.44 -39.38
CA TRP A 366 10.98 -12.79 -38.21
C TRP A 366 10.55 -14.25 -38.28
N PRO A 367 10.80 -15.04 -37.24
CA PRO A 367 10.24 -16.40 -37.19
C PRO A 367 8.72 -16.37 -37.28
N ASN A 368 8.17 -17.41 -37.91
CA ASN A 368 6.72 -17.47 -38.13
C ASN A 368 5.96 -17.38 -36.81
N HIS A 369 6.46 -18.04 -35.76
CA HIS A 369 5.76 -18.00 -34.48
C HIS A 369 5.80 -16.61 -33.87
N TYR A 370 6.91 -15.89 -34.03
CA TYR A 370 6.99 -14.52 -33.53
C TYR A 370 6.03 -13.60 -34.29
N ALA A 371 6.01 -13.71 -35.62
CA ALA A 371 5.08 -12.92 -36.41
C ALA A 371 3.64 -13.19 -36.01
N CYS A 372 3.30 -14.47 -35.79
CA CYS A 372 1.96 -14.80 -35.32
C CYS A 372 1.67 -14.18 -33.96
N GLU A 373 2.64 -14.26 -33.04
CA GLU A 373 2.45 -13.69 -31.71
C GLU A 373 2.23 -12.18 -31.78
N LYS A 374 2.92 -11.51 -32.70
CA LYS A 374 2.77 -10.06 -32.82
C LYS A 374 1.49 -9.66 -33.55
N LEU A 375 1.00 -10.51 -34.44
CA LEU A 375 -0.21 -10.21 -35.20
C LEU A 375 -1.49 -10.61 -34.48
N LEU A 376 -1.39 -11.47 -33.46
CA LEU A 376 -2.59 -11.97 -32.80
C LEU A 376 -3.45 -10.84 -32.26
N VAL A 377 -2.83 -9.80 -31.69
CA VAL A 377 -3.60 -8.71 -31.11
C VAL A 377 -4.35 -7.94 -32.20
N LEU A 378 -3.75 -7.83 -33.40
CA LEU A 378 -4.45 -7.16 -34.49
C LEU A 378 -5.61 -8.01 -35.00
N LEU A 379 -5.42 -9.32 -35.07
CA LEU A 379 -6.52 -10.21 -35.44
C LEU A 379 -7.68 -10.07 -34.46
N THR A 380 -7.39 -10.22 -33.16
CA THR A 380 -8.43 -10.11 -32.15
C THR A 380 -9.12 -8.76 -32.19
N HIS A 381 -8.36 -7.68 -32.34
CA HIS A 381 -8.96 -6.36 -32.39
C HIS A 381 -9.89 -6.23 -33.60
N TYR A 382 -9.45 -6.67 -34.76
CA TYR A 382 -10.29 -6.57 -35.96
C TYR A 382 -11.58 -7.36 -35.79
N ASP A 383 -11.47 -8.61 -35.32
CA ASP A 383 -12.66 -9.45 -35.18
C ASP A 383 -13.63 -8.86 -34.15
N MET A 384 -13.09 -8.37 -33.02
CA MET A 384 -13.94 -7.76 -32.01
C MET A 384 -14.64 -6.52 -32.57
N ILE A 385 -13.94 -5.75 -33.40
CA ILE A 385 -14.57 -4.57 -34.01
C ILE A 385 -15.70 -4.99 -34.93
N GLU A 386 -15.49 -6.02 -35.75
CA GLU A 386 -16.55 -6.48 -36.65
C GLU A 386 -17.76 -6.99 -35.88
N ARG A 387 -17.52 -7.80 -34.84
CA ARG A 387 -18.63 -8.31 -34.04
C ARG A 387 -19.39 -7.18 -33.36
N LYS A 388 -18.67 -6.18 -32.85
CA LYS A 388 -19.33 -5.01 -32.29
C LYS A 388 -20.16 -4.29 -33.35
N LEU A 389 -19.65 -4.24 -34.59
CA LEU A 389 -20.44 -3.66 -35.68
C LEU A 389 -21.65 -4.52 -36.02
N GLY A 390 -21.66 -5.78 -35.60
CA GLY A 390 -22.83 -6.64 -35.77
C GLY A 390 -22.72 -7.70 -36.84
N SER A 391 -21.54 -7.90 -37.42
CA SER A 391 -21.31 -8.94 -38.42
C SER A 391 -20.45 -10.03 -37.81
N ARG A 392 -20.93 -11.27 -37.89
CA ARG A 392 -20.22 -12.42 -37.31
C ARG A 392 -20.10 -13.50 -38.36
N ASN A 393 -18.89 -14.04 -38.53
CA ASN A 393 -18.61 -15.11 -39.47
C ASN A 393 -17.85 -16.22 -38.75
N SER A 394 -17.77 -17.37 -39.42
CA SER A 394 -17.08 -18.52 -38.82
C SER A 394 -15.57 -18.32 -38.79
N ASN A 395 -15.01 -17.54 -39.71
CA ASN A 395 -13.57 -17.35 -39.77
C ASN A 395 -13.03 -16.50 -38.62
N GLN A 396 -13.89 -15.82 -37.87
CA GLN A 396 -13.42 -15.02 -36.75
C GLN A 396 -12.82 -15.89 -35.66
N LEU A 397 -11.90 -15.32 -34.89
CA LEU A 397 -11.27 -16.05 -33.80
C LEU A 397 -12.30 -16.38 -32.73
N GLN A 398 -12.14 -17.55 -32.11
CA GLN A 398 -13.04 -17.98 -31.06
C GLN A 398 -12.33 -18.01 -29.73
N PRO A 399 -12.82 -17.30 -28.71
CA PRO A 399 -12.19 -17.40 -27.39
C PRO A 399 -12.58 -18.69 -26.69
N ILE A 400 -11.57 -19.38 -26.17
CA ILE A 400 -11.83 -20.55 -25.32
C ILE A 400 -12.46 -20.13 -24.01
N ARG A 401 -11.88 -19.13 -23.34
CA ARG A 401 -12.33 -18.75 -22.01
C ARG A 401 -11.74 -17.39 -21.65
N ILE A 402 -12.32 -16.79 -20.62
CA ILE A 402 -11.74 -15.64 -19.94
C ILE A 402 -10.95 -16.17 -18.75
N VAL A 403 -9.65 -15.87 -18.71
CA VAL A 403 -8.80 -16.38 -17.64
C VAL A 403 -9.04 -15.61 -16.34
N LYS A 404 -8.88 -14.28 -16.39
CA LYS A 404 -9.03 -13.45 -15.21
C LYS A 404 -9.14 -12.00 -15.67
N THR A 405 -9.72 -11.17 -14.81
CA THR A 405 -9.71 -9.74 -15.06
C THR A 405 -8.31 -9.18 -14.81
N ARG A 406 -7.91 -8.21 -15.63
CA ARG A 406 -6.61 -7.58 -15.50
C ARG A 406 -6.77 -6.08 -15.69
N ILE A 407 -5.73 -5.34 -15.33
CA ILE A 407 -5.69 -3.90 -15.49
C ILE A 407 -4.44 -3.55 -16.28
N ARG A 408 -4.60 -2.72 -17.31
CA ARG A 408 -3.49 -2.33 -18.17
C ARG A 408 -3.55 -0.83 -18.38
N ASN A 409 -2.56 -0.12 -17.82
CA ASN A 409 -2.49 1.34 -17.91
C ASN A 409 -3.78 1.99 -17.41
N GLY A 410 -4.32 1.44 -16.32
CA GLY A 410 -5.55 1.94 -15.74
C GLY A 410 -6.81 1.56 -16.47
N VAL A 411 -6.74 0.65 -17.44
CA VAL A 411 -7.89 0.23 -18.21
C VAL A 411 -8.28 -1.19 -17.79
N HIS A 412 -9.58 -1.39 -17.59
CA HIS A 412 -10.08 -2.71 -17.22
C HIS A 412 -10.13 -3.62 -18.44
N CYS A 413 -9.56 -4.82 -18.28
CA CYS A 413 -9.34 -5.74 -19.40
C CYS A 413 -9.62 -7.16 -18.93
N PHE A 414 -9.72 -8.06 -19.90
CA PHE A 414 -9.79 -9.49 -19.66
C PHE A 414 -8.56 -10.16 -20.26
N GLU A 415 -8.06 -11.19 -19.58
CA GLU A 415 -7.05 -12.07 -20.14
C GLU A 415 -7.78 -13.19 -20.88
N ILE A 416 -7.65 -13.20 -22.20
CA ILE A 416 -8.41 -14.10 -23.06
C ILE A 416 -7.47 -15.17 -23.60
N GLU A 417 -7.85 -16.42 -23.40
CA GLU A 417 -7.22 -17.56 -24.06
C GLU A 417 -8.01 -17.86 -25.32
N TRP A 418 -7.31 -17.93 -26.46
CA TRP A 418 -7.96 -18.13 -27.74
C TRP A 418 -7.69 -19.52 -28.29
N GLU A 419 -8.52 -19.90 -29.26
CA GLU A 419 -8.33 -21.14 -30.00
C GLU A 419 -7.39 -20.89 -31.17
N LYS A 420 -6.57 -21.88 -31.49
CA LYS A 420 -5.53 -21.72 -32.50
C LYS A 420 -6.13 -21.46 -33.88
N PRO A 421 -5.87 -20.29 -34.47
CA PRO A 421 -6.39 -20.03 -35.81
C PRO A 421 -5.63 -20.80 -36.87
N GLU A 422 -6.19 -20.77 -38.09
CA GLU A 422 -5.55 -21.42 -39.21
C GLU A 422 -4.25 -20.71 -39.59
N HIS A 423 -3.23 -21.49 -39.92
CA HIS A 423 -1.91 -21.01 -40.32
C HIS A 423 -1.17 -20.30 -39.19
N TYR A 424 -1.53 -20.56 -37.94
CA TYR A 424 -0.83 -19.99 -36.80
C TYR A 424 0.32 -20.91 -36.40
N ALA A 425 1.51 -20.33 -36.27
CA ALA A 425 2.72 -21.08 -35.93
C ALA A 425 3.02 -20.93 -34.44
N MET A 426 3.33 -22.06 -33.79
CA MET A 426 3.66 -22.07 -32.38
C MET A 426 5.16 -22.28 -32.18
N GLU A 427 5.74 -21.56 -31.22
CA GLU A 427 7.12 -21.78 -30.86
C GLU A 427 7.28 -23.09 -30.08
N ASP A 428 6.49 -23.27 -29.04
CA ASP A 428 6.53 -24.48 -28.22
C ASP A 428 5.62 -25.54 -28.82
N LYS A 429 6.19 -26.71 -29.11
CA LYS A 429 5.44 -27.77 -29.77
C LYS A 429 4.32 -28.29 -28.88
N GLN A 430 4.60 -28.52 -27.60
CA GLN A 430 3.65 -29.13 -26.69
C GLN A 430 2.72 -28.12 -26.02
N HIS A 431 3.19 -26.90 -25.74
CA HIS A 431 2.44 -25.94 -24.96
C HIS A 431 2.01 -24.69 -25.74
N GLY A 432 2.31 -24.60 -27.04
CA GLY A 432 1.95 -23.39 -27.76
C GLY A 432 0.48 -23.05 -27.65
N GLU A 433 -0.38 -24.08 -27.57
CA GLU A 433 -1.81 -23.82 -27.46
C GLU A 433 -2.17 -23.24 -26.10
N PHE A 434 -1.36 -23.52 -25.08
CA PHE A 434 -1.49 -22.75 -23.83
C PHE A 434 -0.99 -21.33 -24.04
N ALA A 435 0.04 -21.16 -24.87
CA ALA A 435 0.67 -19.85 -25.06
C ALA A 435 -0.26 -18.85 -25.73
N LEU A 436 -1.19 -19.31 -26.58
CA LEU A 436 -2.09 -18.36 -27.22
C LEU A 436 -2.95 -17.55 -26.23
N LEU A 437 -2.53 -16.31 -25.94
CA LEU A 437 -3.19 -15.48 -24.93
C LEU A 437 -3.08 -14.02 -25.30
N THR A 438 -4.11 -13.24 -24.94
CA THR A 438 -4.13 -11.80 -25.15
C THR A 438 -4.76 -11.12 -23.94
N ILE A 439 -4.78 -9.79 -23.97
CA ILE A 439 -5.38 -8.97 -22.93
C ILE A 439 -6.16 -7.87 -23.65
N GLU A 440 -7.49 -7.91 -23.54
CA GLU A 440 -8.36 -7.04 -24.33
C GLU A 440 -9.21 -6.17 -23.42
N GLU A 441 -9.57 -4.98 -23.91
CA GLU A 441 -10.42 -4.09 -23.13
C GLU A 441 -11.78 -4.73 -22.85
N GLU A 442 -12.23 -4.60 -21.61
CA GLU A 442 -13.49 -5.22 -21.19
C GLU A 442 -14.66 -4.75 -22.06
N SER A 443 -14.71 -3.46 -22.37
CA SER A 443 -15.83 -2.93 -23.14
C SER A 443 -15.93 -3.61 -24.51
N LEU A 444 -14.85 -3.53 -25.29
CA LEU A 444 -14.89 -4.09 -26.63
C LEU A 444 -15.08 -5.60 -26.60
N PHE A 445 -14.44 -6.29 -25.66
CA PHE A 445 -14.61 -7.74 -25.62
C PHE A 445 -16.04 -8.12 -25.25
N GLU A 446 -16.65 -7.38 -24.33
CA GLU A 446 -18.05 -7.65 -24.00
C GLU A 446 -18.95 -7.38 -25.20
N ALA A 447 -18.65 -6.33 -25.97
CA ALA A 447 -19.42 -6.07 -27.18
C ALA A 447 -19.26 -7.20 -28.20
N ALA A 448 -18.10 -7.86 -28.22
CA ALA A 448 -17.86 -8.90 -29.22
C ALA A 448 -18.44 -10.25 -28.78
N TYR A 449 -18.12 -10.70 -27.57
CA TYR A 449 -18.49 -12.02 -27.07
C TYR A 449 -19.27 -11.90 -25.76
N PRO A 450 -20.50 -11.39 -25.83
CA PRO A 450 -21.30 -11.20 -24.61
C PRO A 450 -21.61 -12.51 -23.91
N GLU A 451 -21.65 -13.63 -24.66
CA GLU A 451 -21.90 -14.92 -24.05
C GLU A 451 -20.74 -15.34 -23.14
N ILE A 452 -19.51 -15.17 -23.64
CA ILE A 452 -18.33 -15.47 -22.83
C ILE A 452 -18.29 -14.60 -21.59
N VAL A 453 -18.48 -13.29 -21.77
CA VAL A 453 -18.51 -12.41 -20.61
C VAL A 453 -19.61 -12.83 -19.64
N ALA A 454 -20.73 -13.32 -20.17
CA ALA A 454 -21.85 -13.72 -19.33
C ALA A 454 -21.51 -14.94 -18.47
N VAL A 455 -20.86 -15.95 -19.07
CA VAL A 455 -20.52 -17.13 -18.28
C VAL A 455 -19.44 -16.78 -17.25
N TYR A 456 -18.51 -15.87 -17.60
CA TYR A 456 -17.54 -15.45 -16.60
C TYR A 456 -18.22 -14.76 -15.42
N GLN A 457 -19.08 -13.78 -15.69
CA GLN A 457 -19.80 -13.11 -14.61
C GLN A 457 -20.65 -14.09 -13.82
N LYS A 458 -21.14 -15.16 -14.46
CA LYS A 458 -21.84 -16.21 -13.74
C LYS A 458 -20.92 -16.89 -12.73
N GLN A 459 -19.70 -17.23 -13.16
CA GLN A 459 -18.75 -17.83 -12.23
C GLN A 459 -18.42 -16.88 -11.08
N LYS A 460 -18.32 -15.58 -11.36
CA LYS A 460 -18.07 -14.62 -10.29
C LYS A 460 -19.24 -14.57 -9.30
N LEU A 461 -20.47 -14.57 -9.81
CA LEU A 461 -21.62 -14.66 -8.93
C LEU A 461 -21.59 -15.96 -8.11
N GLU A 462 -21.03 -17.02 -8.69
CA GLU A 462 -20.93 -18.28 -7.97
C GLU A 462 -19.91 -18.21 -6.85
N ILE A 463 -18.78 -17.51 -7.06
CA ILE A 463 -17.79 -17.44 -5.99
C ILE A 463 -18.26 -16.49 -4.89
N LYS A 464 -18.90 -15.37 -5.26
CA LYS A 464 -19.43 -14.48 -4.22
C LYS A 464 -20.58 -15.14 -3.47
N GLY A 465 -21.40 -15.93 -4.15
CA GLY A 465 -22.45 -16.66 -3.47
C GLY A 465 -21.92 -17.78 -2.59
N LYS A 466 -20.82 -18.42 -3.01
CA LYS A 466 -20.22 -19.47 -2.20
C LYS A 466 -19.59 -18.91 -0.94
N LYS A 467 -18.94 -17.74 -1.04
CA LYS A 467 -18.49 -17.05 0.16
C LYS A 467 -19.01 -15.62 0.20
N GLY B 2 1.80 -24.40 41.53
CA GLY B 2 3.03 -25.06 41.91
C GLY B 2 2.85 -26.55 42.13
N VAL B 3 1.61 -27.01 41.98
CA VAL B 3 1.29 -28.42 42.15
C VAL B 3 1.88 -29.23 41.01
N ASN B 4 2.38 -30.43 41.33
CA ASN B 4 2.89 -31.33 40.31
C ASN B 4 1.74 -31.84 39.44
N ASP B 5 1.86 -31.64 38.13
CA ASP B 5 0.93 -32.09 37.09
C ASP B 5 -0.41 -31.38 37.14
N LEU B 6 -0.57 -30.36 37.98
CA LEU B 6 -1.82 -29.61 38.01
C LEU B 6 -1.99 -28.76 36.76
N TRP B 7 -0.92 -28.06 36.37
CA TRP B 7 -0.97 -27.17 35.22
C TRP B 7 -1.29 -27.94 33.94
N GLN B 8 -0.75 -29.16 33.82
CA GLN B 8 -1.10 -30.00 32.68
C GLN B 8 -2.60 -30.32 32.67
N ILE B 9 -3.16 -30.57 33.85
CA ILE B 9 -4.60 -30.86 33.93
C ILE B 9 -5.42 -29.65 33.52
N LEU B 10 -4.99 -28.45 33.93
CA LEU B 10 -5.73 -27.24 33.60
C LEU B 10 -5.35 -26.65 32.25
N GLU B 11 -4.46 -27.31 31.48
CA GLU B 11 -4.07 -26.77 30.19
C GLU B 11 -5.24 -26.59 29.20
N PRO B 12 -6.16 -27.54 29.05
CA PRO B 12 -7.24 -27.36 28.05
C PRO B 12 -8.15 -26.17 28.33
N VAL B 13 -8.24 -25.71 29.58
CA VAL B 13 -9.15 -24.62 29.91
C VAL B 13 -8.52 -23.25 29.74
N LYS B 14 -7.19 -23.14 29.82
CA LYS B 14 -6.54 -21.83 29.81
C LYS B 14 -6.87 -21.08 28.53
N GLN B 15 -6.93 -19.76 28.65
CA GLN B 15 -7.31 -18.89 27.54
C GLN B 15 -6.24 -17.84 27.32
N HIS B 16 -5.71 -17.78 26.11
CA HIS B 16 -4.72 -16.76 25.76
C HIS B 16 -5.40 -15.39 25.69
N ILE B 17 -5.03 -14.49 26.58
CA ILE B 17 -5.66 -13.18 26.67
C ILE B 17 -4.59 -12.10 26.50
N PRO B 18 -4.65 -11.30 25.44
CA PRO B 18 -3.70 -10.19 25.31
C PRO B 18 -3.88 -9.18 26.44
N LEU B 19 -2.79 -8.46 26.75
CA LEU B 19 -2.82 -7.55 27.88
C LEU B 19 -3.79 -6.39 27.65
N ARG B 20 -4.01 -6.00 26.39
CA ARG B 20 -4.96 -4.94 26.10
C ARG B 20 -6.37 -5.32 26.56
N ASN B 21 -6.69 -6.61 26.57
CA ASN B 21 -8.02 -7.08 26.95
C ASN B 21 -8.24 -7.10 28.46
N LEU B 22 -7.24 -6.73 29.25
CA LEU B 22 -7.40 -6.63 30.69
C LEU B 22 -7.78 -5.23 31.15
N GLY B 23 -8.20 -4.36 30.24
CA GLY B 23 -8.52 -3.00 30.63
C GLY B 23 -9.71 -2.94 31.58
N GLY B 24 -9.60 -2.04 32.57
CA GLY B 24 -10.62 -1.89 33.57
C GLY B 24 -10.66 -2.97 34.64
N LYS B 25 -9.67 -3.87 34.66
CA LYS B 25 -9.63 -4.96 35.61
C LYS B 25 -8.58 -4.69 36.68
N THR B 26 -8.84 -5.21 37.88
CA THR B 26 -7.90 -5.13 38.99
C THR B 26 -7.32 -6.50 39.25
N ILE B 27 -6.00 -6.56 39.43
CA ILE B 27 -5.27 -7.80 39.56
C ILE B 27 -4.38 -7.72 40.79
N ALA B 28 -4.39 -8.77 41.61
CA ALA B 28 -3.41 -8.93 42.66
C ALA B 28 -2.13 -9.54 42.08
N VAL B 29 -0.99 -9.04 42.54
CA VAL B 29 0.32 -9.46 42.03
C VAL B 29 1.14 -10.03 43.17
N ASN B 30 1.70 -11.21 42.96
CA ASN B 30 2.65 -11.81 43.87
C ASN B 30 4.00 -11.13 43.62
N LEU B 31 4.34 -10.15 44.45
CA LEU B 31 5.55 -9.37 44.23
C LEU B 31 6.80 -10.26 44.31
N SER B 32 6.79 -11.23 45.22
CA SER B 32 7.94 -12.11 45.38
C SER B 32 8.27 -12.83 44.08
N LEU B 33 7.25 -13.29 43.37
CA LEU B 33 7.48 -14.01 42.11
C LEU B 33 8.15 -13.10 41.07
N TRP B 34 7.75 -11.83 41.02
CA TRP B 34 8.40 -10.90 40.10
C TRP B 34 9.85 -10.65 40.49
N VAL B 35 10.12 -10.50 41.79
CA VAL B 35 11.47 -10.24 42.24
C VAL B 35 12.38 -11.44 41.95
N CYS B 36 11.90 -12.64 42.24
CA CYS B 36 12.68 -13.85 41.94
C CYS B 36 12.89 -14.00 40.44
N GLU B 37 11.84 -13.78 39.65
CA GLU B 37 11.94 -13.86 38.20
C GLU B 37 13.03 -12.93 37.68
N ALA B 38 13.05 -11.68 38.16
CA ALA B 38 14.08 -10.75 37.74
C ALA B 38 15.46 -11.18 38.23
N GLN B 39 15.53 -11.76 39.43
CA GLN B 39 16.81 -12.25 39.92
C GLN B 39 17.35 -13.39 39.06
N THR B 40 16.46 -14.14 38.41
CA THR B 40 16.89 -15.26 37.57
C THR B 40 17.57 -14.80 36.29
N VAL B 41 17.55 -13.50 35.98
CA VAL B 41 18.18 -13.01 34.76
C VAL B 41 19.69 -13.21 34.84
N LYS B 42 20.25 -13.83 33.79
CA LYS B 42 21.69 -14.07 33.71
C LYS B 42 22.36 -13.41 32.52
N LYS B 43 21.58 -12.98 31.51
CA LYS B 43 22.19 -12.45 30.29
C LYS B 43 22.95 -11.16 30.55
N MET B 44 22.59 -10.43 31.60
CA MET B 44 23.18 -9.13 31.88
C MET B 44 24.26 -9.28 32.94
N MET B 45 25.51 -9.03 32.55
CA MET B 45 26.63 -8.91 33.47
C MET B 45 27.16 -7.48 33.57
N GLY B 46 26.69 -6.58 32.71
CA GLY B 46 27.28 -5.25 32.63
C GLY B 46 26.91 -4.35 33.79
N SER B 47 25.70 -4.50 34.31
CA SER B 47 25.16 -3.59 35.32
C SER B 47 25.02 -4.29 36.65
N VAL B 48 25.67 -3.73 37.67
CA VAL B 48 25.60 -4.28 39.03
C VAL B 48 24.14 -4.35 39.49
N MET B 49 23.36 -3.33 39.16
CA MET B 49 21.97 -3.26 39.61
C MET B 49 21.13 -4.32 38.90
N LYS B 50 20.22 -4.92 39.65
CA LYS B 50 19.34 -5.97 39.17
C LYS B 50 18.05 -5.38 38.60
N PRO B 51 17.34 -6.12 37.75
CA PRO B 51 16.13 -5.58 37.12
C PRO B 51 14.83 -5.74 37.91
N HIS B 52 14.89 -6.13 39.19
CA HIS B 52 13.66 -6.26 39.96
C HIS B 52 12.89 -4.94 40.02
N LEU B 53 13.59 -3.83 40.31
CA LEU B 53 12.91 -2.54 40.33
C LEU B 53 12.57 -2.08 38.91
N ARG B 54 13.49 -2.29 37.98
CA ARG B 54 13.28 -1.82 36.60
C ARG B 54 12.12 -2.55 35.95
N ASN B 55 12.13 -3.88 35.98
CA ASN B 55 11.04 -4.66 35.40
C ASN B 55 9.73 -4.35 36.10
N LEU B 56 9.75 -4.22 37.43
CA LEU B 56 8.55 -3.85 38.16
C LEU B 56 7.97 -2.54 37.63
N PHE B 57 8.82 -1.52 37.48
CA PHE B 57 8.34 -0.22 37.02
C PHE B 57 7.77 -0.30 35.61
N PHE B 58 8.53 -0.87 34.67
CA PHE B 58 8.09 -0.85 33.29
C PHE B 58 6.84 -1.73 33.07
N ARG B 59 6.74 -2.84 33.81
CA ARG B 59 5.50 -3.60 33.80
C ARG B 59 4.34 -2.77 34.32
N ILE B 60 4.56 -2.06 35.43
CA ILE B 60 3.50 -1.24 35.99
C ILE B 60 3.06 -0.17 35.00
N SER B 61 4.02 0.46 34.32
CA SER B 61 3.70 1.50 33.34
C SER B 61 2.89 0.92 32.18
N TYR B 62 3.32 -0.23 31.66
CA TYR B 62 2.60 -0.82 30.55
C TYR B 62 1.18 -1.19 30.94
N LEU B 63 1.02 -1.83 32.10
CA LEU B 63 -0.32 -2.24 32.54
C LEU B 63 -1.22 -1.04 32.79
N THR B 64 -0.68 0.01 33.43
CA THR B 64 -1.48 1.20 33.66
C THR B 64 -1.90 1.85 32.34
N GLN B 65 -1.00 1.88 31.36
CA GLN B 65 -1.41 2.38 30.04
C GLN B 65 -2.45 1.48 29.39
N MET B 66 -2.51 0.22 29.78
CA MET B 66 -3.58 -0.68 29.34
C MET B 66 -4.85 -0.54 30.17
N ASP B 67 -4.91 0.48 31.04
CA ASP B 67 -6.04 0.69 31.95
C ASP B 67 -6.22 -0.52 32.85
N VAL B 68 -5.12 -0.96 33.45
CA VAL B 68 -5.11 -2.11 34.36
C VAL B 68 -4.58 -1.62 35.70
N LYS B 69 -5.43 -1.65 36.72
CA LYS B 69 -5.02 -1.30 38.07
C LYS B 69 -4.47 -2.53 38.79
N LEU B 70 -3.56 -2.29 39.73
CA LEU B 70 -2.84 -3.37 40.40
C LEU B 70 -2.84 -3.16 41.90
N VAL B 71 -2.77 -4.26 42.63
CA VAL B 71 -2.43 -4.26 44.04
C VAL B 71 -1.42 -5.38 44.27
N PHE B 72 -0.30 -5.05 44.90
CA PHE B 72 0.78 -6.00 45.08
C PHE B 72 0.69 -6.62 46.47
N VAL B 73 0.90 -7.94 46.54
CA VAL B 73 0.82 -8.67 47.79
C VAL B 73 2.23 -8.87 48.32
N MET B 74 2.49 -8.38 49.52
CA MET B 74 3.77 -8.54 50.18
C MET B 74 3.69 -9.77 51.08
N GLU B 75 4.51 -10.78 50.79
CA GLU B 75 4.44 -12.02 51.55
C GLU B 75 4.92 -11.81 52.98
N GLY B 76 4.40 -12.64 53.88
CA GLY B 76 4.78 -12.61 55.27
C GLY B 76 5.76 -13.72 55.59
N GLU B 77 5.42 -14.57 56.56
CA GLU B 77 6.33 -15.66 56.86
C GLU B 77 5.71 -16.98 56.42
N PRO B 78 6.50 -17.88 55.81
CA PRO B 78 5.95 -19.16 55.37
C PRO B 78 5.60 -20.02 56.56
N PRO B 79 4.60 -20.91 56.42
CA PRO B 79 4.16 -21.71 57.56
C PRO B 79 5.20 -22.75 57.95
N LYS B 80 4.93 -23.42 59.07
CA LYS B 80 5.88 -24.39 59.61
C LYS B 80 6.13 -25.53 58.65
N LEU B 81 5.14 -25.86 57.81
CA LEU B 81 5.29 -26.96 56.85
C LEU B 81 5.82 -26.45 55.52
N ARG B 93 20.41 -32.09 58.50
CA ARG B 93 21.33 -31.34 59.34
C ARG B 93 21.90 -30.12 58.64
N TYR B 94 22.47 -30.33 57.46
CA TYR B 94 23.06 -29.24 56.70
C TYR B 94 22.42 -29.06 55.33
N GLY B 95 22.38 -30.10 54.51
CA GLY B 95 21.64 -30.00 53.26
C GLY B 95 20.15 -29.96 53.46
N SER B 96 19.63 -30.64 54.50
CA SER B 96 18.19 -30.64 54.74
C SER B 96 17.73 -29.31 55.33
N SER B 97 18.50 -28.75 56.26
CA SER B 97 18.14 -27.50 56.90
C SER B 97 18.37 -26.31 56.00
N GLY B 98 17.39 -25.40 55.96
CA GLY B 98 17.52 -24.14 55.25
C GLY B 98 18.49 -23.18 55.90
N LYS B 99 18.90 -23.45 57.14
CA LYS B 99 19.74 -22.55 57.92
C LYS B 99 21.19 -22.65 57.46
N SER B 100 21.76 -21.52 57.05
CA SER B 100 23.12 -21.45 56.53
C SER B 100 23.50 -19.99 56.28
N TRP B 101 24.79 -19.68 56.35
CA TRP B 101 25.24 -18.31 56.14
C TRP B 101 24.74 -17.77 54.80
N SER B 102 25.11 -18.45 53.71
CA SER B 102 24.71 -18.01 52.38
C SER B 102 23.19 -17.98 52.24
N GLN B 103 22.52 -18.99 52.78
CA GLN B 103 21.07 -19.04 52.69
C GLN B 103 20.42 -17.91 53.50
N LYS B 104 20.86 -17.74 54.75
CA LYS B 104 20.29 -16.72 55.62
C LYS B 104 20.50 -15.33 55.04
N THR B 105 21.75 -14.98 54.70
CA THR B 105 22.04 -13.66 54.16
C THR B 105 21.35 -13.45 52.82
N GLY B 106 21.27 -14.49 52.00
CA GLY B 106 20.52 -14.37 50.76
C GLY B 106 19.06 -14.05 50.99
N ARG B 107 18.46 -14.70 52.00
CA ARG B 107 17.07 -14.41 52.34
C ARG B 107 16.92 -12.96 52.81
N SER B 108 17.89 -12.48 53.59
CA SER B 108 17.83 -11.08 54.03
C SER B 108 17.93 -10.12 52.84
N HIS B 109 18.80 -10.43 51.88
CA HIS B 109 18.88 -9.62 50.67
C HIS B 109 17.56 -9.62 49.92
N PHE B 110 16.93 -10.79 49.82
CA PHE B 110 15.62 -10.89 49.17
C PHE B 110 14.59 -10.00 49.85
N LYS B 111 14.52 -10.07 51.19
CA LYS B 111 13.60 -9.20 51.92
C LYS B 111 13.91 -7.73 51.68
N SER B 112 15.19 -7.38 51.64
CA SER B 112 15.57 -5.98 51.39
C SER B 112 15.09 -5.52 50.01
N VAL B 113 15.24 -6.38 49.00
CA VAL B 113 14.74 -6.04 47.67
C VAL B 113 13.23 -5.85 47.71
N LEU B 114 12.52 -6.73 48.44
CA LEU B 114 11.08 -6.56 48.59
C LEU B 114 10.75 -5.20 49.20
N ARG B 115 11.49 -4.80 50.23
CA ARG B 115 11.23 -3.51 50.86
C ARG B 115 11.47 -2.35 49.89
N GLU B 116 12.53 -2.44 49.08
CA GLU B 116 12.77 -1.42 48.07
C GLU B 116 11.60 -1.35 47.07
N CYS B 117 11.13 -2.51 46.62
CA CYS B 117 9.98 -2.54 45.72
C CYS B 117 8.76 -1.88 46.35
N LEU B 118 8.52 -2.15 47.64
CA LEU B 118 7.45 -1.47 48.35
C LEU B 118 7.64 0.04 48.31
N HIS B 119 8.88 0.50 48.51
CA HIS B 119 9.16 1.93 48.45
C HIS B 119 8.80 2.51 47.09
N MET B 120 9.18 1.81 46.01
CA MET B 120 8.81 2.31 44.69
C MET B 120 7.30 2.29 44.49
N LEU B 121 6.62 1.26 45.00
CA LEU B 121 5.16 1.24 44.93
C LEU B 121 4.56 2.48 45.56
N GLU B 122 5.10 2.89 46.71
CA GLU B 122 4.62 4.10 47.36
C GLU B 122 4.94 5.33 46.53
N CYS B 123 6.14 5.38 45.92
CA CYS B 123 6.46 6.49 45.01
C CYS B 123 5.45 6.58 43.88
N LEU B 124 5.05 5.44 43.33
CA LEU B 124 4.05 5.38 42.26
C LEU B 124 2.63 5.57 42.75
N GLY B 125 2.41 5.51 44.07
CA GLY B 125 1.07 5.62 44.59
C GLY B 125 0.22 4.39 44.39
N ILE B 126 0.85 3.24 44.25
CA ILE B 126 0.17 1.97 44.02
C ILE B 126 0.06 1.23 45.35
N PRO B 127 -1.12 0.71 45.71
CA PRO B 127 -1.26 0.06 47.01
C PRO B 127 -0.63 -1.33 47.03
N TRP B 128 -0.13 -1.69 48.21
CA TRP B 128 0.33 -3.05 48.47
C TRP B 128 -0.24 -3.48 49.82
N VAL B 129 -0.61 -4.75 49.90
CA VAL B 129 -1.18 -5.31 51.12
C VAL B 129 -0.15 -6.22 51.76
N GLN B 130 -0.39 -6.55 53.03
CA GLN B 130 0.47 -7.43 53.79
C GLN B 130 -0.18 -8.79 53.92
N ALA B 131 0.50 -9.82 53.46
CA ALA B 131 0.00 -11.18 53.60
C ALA B 131 0.38 -11.74 54.96
N ALA B 132 -0.51 -12.54 55.55
CA ALA B 132 -0.19 -13.22 56.80
C ALA B 132 0.86 -14.30 56.57
N GLY B 133 0.64 -15.15 55.57
CA GLY B 133 1.56 -16.24 55.28
C GLY B 133 2.03 -16.19 53.84
N GLU B 134 1.75 -17.24 53.06
CA GLU B 134 2.11 -17.23 51.66
C GLU B 134 1.29 -16.20 50.91
N ALA B 135 1.95 -15.50 49.97
CA ALA B 135 1.29 -14.42 49.24
C ALA B 135 0.10 -14.94 48.43
N GLU B 136 0.20 -16.16 47.90
CA GLU B 136 -0.88 -16.72 47.10
C GLU B 136 -2.19 -16.74 47.88
N ALA B 137 -2.11 -17.07 49.17
CA ALA B 137 -3.30 -17.04 50.03
C ALA B 137 -3.94 -15.66 50.04
N MET B 138 -3.12 -14.62 50.16
CA MET B 138 -3.65 -13.26 50.19
C MET B 138 -4.22 -12.86 48.83
N CYS B 139 -3.59 -13.30 47.74
CA CYS B 139 -4.14 -13.07 46.42
C CYS B 139 -5.54 -13.68 46.30
N ALA B 140 -5.68 -14.94 46.69
CA ALA B 140 -7.00 -15.57 46.65
C ALA B 140 -7.99 -14.92 47.61
N TYR B 141 -7.49 -14.35 48.71
CA TYR B 141 -8.38 -13.62 49.61
C TYR B 141 -8.90 -12.37 48.94
N LEU B 142 -8.04 -11.63 48.23
CA LEU B 142 -8.49 -10.46 47.49
C LEU B 142 -9.47 -10.83 46.39
N ASN B 143 -9.20 -11.92 45.68
CA ASN B 143 -10.06 -12.31 44.57
C ASN B 143 -11.42 -12.79 45.07
N ALA B 144 -11.43 -13.66 46.08
CA ALA B 144 -12.70 -14.15 46.62
C ALA B 144 -13.50 -13.04 47.30
N GLY B 145 -12.82 -12.04 47.85
CA GLY B 145 -13.49 -10.92 48.49
C GLY B 145 -13.96 -9.83 47.56
N GLY B 146 -13.75 -9.99 46.25
CA GLY B 146 -14.15 -8.97 45.30
C GLY B 146 -13.27 -7.75 45.27
N HIS B 147 -12.11 -7.79 45.92
CA HIS B 147 -11.20 -6.64 45.90
C HIS B 147 -10.44 -6.57 44.59
N VAL B 148 -10.16 -7.70 43.97
CA VAL B 148 -9.48 -7.75 42.67
C VAL B 148 -10.25 -8.69 41.75
N ASP B 149 -10.09 -8.46 40.45
CA ASP B 149 -10.72 -9.31 39.46
C ASP B 149 -9.89 -10.54 39.14
N GLY B 150 -8.58 -10.47 39.30
CA GLY B 150 -7.76 -11.63 39.01
C GLY B 150 -6.52 -11.71 39.89
N CYS B 151 -5.86 -12.87 39.82
CA CYS B 151 -4.61 -13.13 40.51
C CYS B 151 -3.54 -13.49 39.50
N LEU B 152 -2.38 -12.83 39.59
CA LEU B 152 -1.28 -13.09 38.67
C LEU B 152 -0.22 -13.90 39.39
N THR B 153 0.10 -15.07 38.84
CA THR B 153 1.12 -15.96 39.40
C THR B 153 1.67 -16.84 38.30
N ASN B 154 2.99 -17.00 38.30
CA ASN B 154 3.62 -17.90 37.33
C ASN B 154 3.27 -19.36 37.64
N ASP B 155 3.26 -19.72 38.92
CA ASP B 155 2.82 -21.02 39.38
C ASP B 155 2.52 -20.92 40.87
N GLY B 156 1.39 -21.48 41.27
CA GLY B 156 0.99 -21.40 42.66
C GLY B 156 -0.29 -22.16 42.90
N ASP B 157 -0.65 -22.25 44.17
CA ASP B 157 -1.86 -22.94 44.62
C ASP B 157 -3.01 -21.97 44.86
N THR B 158 -3.10 -20.91 44.04
CA THR B 158 -4.07 -19.85 44.30
C THR B 158 -5.50 -20.38 44.25
N PHE B 159 -5.78 -21.32 43.34
CA PHE B 159 -7.11 -21.92 43.29
C PHE B 159 -7.41 -22.69 44.58
N LEU B 160 -6.39 -23.32 45.16
CA LEU B 160 -6.61 -24.05 46.41
C LEU B 160 -6.90 -23.12 47.58
N TYR B 161 -6.48 -21.86 47.52
CA TYR B 161 -6.82 -20.88 48.53
C TYR B 161 -8.13 -20.15 48.24
N GLY B 162 -8.85 -20.55 47.20
CA GLY B 162 -10.18 -20.04 46.95
C GLY B 162 -10.29 -18.97 45.89
N ALA B 163 -9.28 -18.78 45.07
CA ALA B 163 -9.37 -17.79 44.00
C ALA B 163 -10.30 -18.27 42.89
N GLN B 164 -10.95 -17.32 42.23
CA GLN B 164 -11.84 -17.64 41.11
C GLN B 164 -11.13 -17.52 39.76
N THR B 165 -10.26 -16.53 39.62
CA THR B 165 -9.57 -16.26 38.37
C THR B 165 -8.08 -16.15 38.63
N VAL B 166 -7.28 -16.80 37.79
CA VAL B 166 -5.82 -16.82 37.93
C VAL B 166 -5.18 -16.56 36.58
N TYR B 167 -4.26 -15.61 36.54
CA TYR B 167 -3.51 -15.28 35.33
C TYR B 167 -2.08 -15.80 35.46
N ARG B 168 -1.55 -16.33 34.37
CA ARG B 168 -0.30 -17.07 34.38
C ARG B 168 0.54 -16.69 33.17
N ASN B 169 1.85 -16.89 33.29
CA ASN B 169 2.78 -16.73 32.16
C ASN B 169 2.75 -15.32 31.59
N PHE B 170 2.87 -14.34 32.48
CA PHE B 170 2.92 -12.95 32.04
C PHE B 170 4.17 -12.71 31.20
N THR B 171 4.00 -11.99 30.10
CA THR B 171 5.13 -11.60 29.28
C THR B 171 4.76 -10.39 28.44
N MET B 172 5.77 -9.56 28.17
CA MET B 172 5.61 -8.32 27.41
C MET B 172 6.30 -8.40 26.05
N ASN B 173 6.44 -9.60 25.51
CA ASN B 173 7.06 -9.77 24.21
C ASN B 173 6.31 -8.95 23.16
N THR B 174 7.08 -8.26 22.30
CA THR B 174 6.48 -7.37 21.30
C THR B 174 5.42 -8.10 20.48
N LYS B 175 5.69 -9.34 20.11
CA LYS B 175 4.70 -10.21 19.48
C LYS B 175 4.12 -11.11 20.57
N ASP B 176 2.79 -11.21 20.58
CA ASP B 176 2.06 -12.03 21.54
C ASP B 176 2.27 -11.59 22.99
N PRO B 177 1.93 -10.34 23.35
CA PRO B 177 1.82 -10.01 24.77
C PRO B 177 0.51 -10.59 25.30
N HIS B 178 0.60 -11.31 26.42
CA HIS B 178 -0.56 -12.09 26.83
C HIS B 178 -0.38 -12.57 28.27
N VAL B 179 -1.48 -13.12 28.79
CA VAL B 179 -1.48 -13.95 29.98
C VAL B 179 -2.44 -15.11 29.71
N ASP B 180 -2.08 -16.29 30.21
CA ASP B 180 -2.98 -17.44 30.16
C ASP B 180 -3.94 -17.35 31.33
N CYS B 181 -5.24 -17.36 31.04
CA CYS B 181 -6.26 -17.16 32.05
C CYS B 181 -6.92 -18.50 32.41
N TYR B 182 -7.16 -18.68 33.70
CA TYR B 182 -7.83 -19.86 34.25
C TYR B 182 -8.95 -19.39 35.14
N THR B 183 -10.20 -19.65 34.75
CA THR B 183 -11.36 -19.29 35.56
C THR B 183 -11.90 -20.53 36.25
N MET B 184 -12.31 -20.36 37.51
CA MET B 184 -12.79 -21.49 38.30
C MET B 184 -14.09 -22.06 37.73
N SER B 185 -14.97 -21.18 37.23
CA SER B 185 -16.23 -21.65 36.67
C SER B 185 -16.00 -22.57 35.49
N SER B 186 -15.07 -22.22 34.59
CA SER B 186 -14.75 -23.08 33.47
C SER B 186 -14.04 -24.36 33.92
N ILE B 187 -13.43 -24.35 35.10
CA ILE B 187 -12.88 -25.59 35.64
C ILE B 187 -14.00 -26.52 36.09
N LYS B 188 -15.01 -25.96 36.77
CA LYS B 188 -16.12 -26.78 37.23
C LYS B 188 -17.01 -27.22 36.09
N SER B 189 -17.06 -26.47 34.99
CA SER B 189 -17.94 -26.81 33.88
C SER B 189 -17.24 -27.67 32.82
N LYS B 190 -16.06 -27.26 32.37
CA LYS B 190 -15.37 -28.00 31.31
C LYS B 190 -14.65 -29.22 31.86
N LEU B 191 -14.06 -29.11 33.05
CA LEU B 191 -13.36 -30.23 33.68
C LEU B 191 -14.11 -30.87 34.83
N GLY B 192 -15.13 -30.22 35.37
CA GLY B 192 -15.89 -30.79 36.46
C GLY B 192 -15.13 -30.94 37.75
N LEU B 193 -14.35 -29.92 38.11
CA LEU B 193 -13.50 -29.98 39.30
C LEU B 193 -13.90 -28.86 40.26
N ASP B 194 -14.40 -29.24 41.44
CA ASP B 194 -14.65 -28.28 42.49
C ASP B 194 -13.35 -27.95 43.21
N ARG B 195 -13.44 -26.99 44.15
CA ARG B 195 -12.26 -26.59 44.90
C ARG B 195 -11.73 -27.74 45.75
N ASP B 196 -12.61 -28.48 46.43
CA ASP B 196 -12.16 -29.59 47.26
C ASP B 196 -11.49 -30.66 46.42
N ALA B 197 -12.02 -30.94 45.23
CA ALA B 197 -11.39 -31.89 44.33
C ALA B 197 -10.00 -31.44 43.92
N LEU B 198 -9.83 -30.13 43.63
CA LEU B 198 -8.51 -29.62 43.31
C LEU B 198 -7.56 -29.75 44.50
N VAL B 199 -8.06 -29.50 45.70
CA VAL B 199 -7.21 -29.64 46.89
C VAL B 199 -6.72 -31.07 47.05
N GLY B 200 -7.65 -32.03 47.04
CA GLY B 200 -7.26 -33.42 47.18
C GLY B 200 -6.36 -33.90 46.05
N LEU B 201 -6.65 -33.46 44.82
CA LEU B 201 -5.80 -33.76 43.69
C LEU B 201 -4.38 -33.27 43.92
N ALA B 202 -4.24 -32.03 44.41
CA ALA B 202 -2.93 -31.50 44.75
C ALA B 202 -2.29 -32.27 45.90
N ILE B 203 -3.10 -32.88 46.76
CA ILE B 203 -2.56 -33.68 47.86
C ILE B 203 -1.94 -34.97 47.32
N LEU B 204 -2.71 -35.75 46.56
CA LEU B 204 -2.22 -37.04 46.11
C LEU B 204 -1.12 -36.88 45.06
N LEU B 205 -1.22 -35.88 44.19
CA LEU B 205 -0.16 -35.66 43.23
C LEU B 205 1.02 -34.88 43.83
N GLY B 206 0.78 -34.18 44.93
CA GLY B 206 1.81 -33.41 45.59
C GLY B 206 1.92 -32.00 45.04
N CYS B 207 2.22 -31.04 45.90
CA CYS B 207 2.29 -29.63 45.52
C CYS B 207 3.61 -29.05 46.00
N ASP B 208 3.81 -27.78 45.70
CA ASP B 208 4.91 -27.05 46.33
C ASP B 208 4.73 -27.09 47.85
N TYR B 209 5.85 -27.06 48.57
CA TYR B 209 5.88 -27.21 50.02
C TYR B 209 5.30 -28.56 50.45
N LEU B 210 5.26 -29.54 49.55
CA LEU B 210 4.81 -30.89 49.83
C LEU B 210 5.63 -31.86 48.99
N PRO B 211 6.58 -32.60 49.59
CA PRO B 211 7.50 -33.41 48.79
C PRO B 211 6.89 -34.68 48.20
N LYS B 212 5.75 -35.15 48.67
CA LYS B 212 5.23 -36.43 48.20
C LYS B 212 4.56 -36.26 46.84
N GLY B 213 5.10 -36.92 45.82
CA GLY B 213 4.47 -36.94 44.52
C GLY B 213 3.88 -38.30 44.18
N VAL B 214 4.49 -39.33 44.75
CA VAL B 214 4.11 -40.73 44.53
C VAL B 214 2.94 -41.13 45.42
N PRO B 215 2.31 -42.29 45.15
CA PRO B 215 2.43 -43.24 44.04
C PRO B 215 1.45 -43.01 42.89
N GLY B 216 0.27 -42.51 43.25
CA GLY B 216 -0.83 -42.30 42.31
C GLY B 216 -0.55 -41.49 41.06
N VAL B 217 -0.89 -42.06 39.92
CA VAL B 217 -0.74 -41.39 38.64
C VAL B 217 -1.85 -40.38 38.48
N GLY B 218 -1.56 -39.27 37.80
CA GLY B 218 -2.58 -38.26 37.59
C GLY B 218 -3.70 -38.71 36.66
N LYS B 219 -3.39 -39.64 35.75
CA LYS B 219 -4.42 -40.17 34.86
C LYS B 219 -5.40 -41.05 35.62
N GLU B 220 -4.89 -41.98 36.42
CA GLU B 220 -5.74 -42.83 37.25
C GLU B 220 -6.59 -42.00 38.21
N GLN B 221 -5.97 -40.97 38.80
CA GLN B 221 -6.71 -40.10 39.71
C GLN B 221 -7.80 -39.33 38.98
N ALA B 222 -7.52 -38.86 37.76
CA ALA B 222 -8.56 -38.24 36.95
C ALA B 222 -9.69 -39.22 36.66
N LEU B 223 -9.35 -40.49 36.46
CA LEU B 223 -10.39 -41.51 36.28
C LEU B 223 -11.22 -41.67 37.55
N LYS B 224 -10.60 -41.56 38.72
CA LYS B 224 -11.36 -41.59 39.96
C LYS B 224 -12.31 -40.39 40.07
N LEU B 225 -11.83 -39.21 39.68
CA LEU B 225 -12.70 -38.04 39.68
C LEU B 225 -13.87 -38.22 38.73
N ILE B 226 -13.65 -38.90 37.60
CA ILE B 226 -14.77 -39.25 36.74
C ILE B 226 -15.67 -40.26 37.43
N GLN B 227 -15.10 -41.14 38.25
CA GLN B 227 -15.90 -42.15 38.96
C GLN B 227 -16.89 -41.50 39.91
N ILE B 228 -16.40 -40.77 40.91
CA ILE B 228 -17.25 -40.20 41.95
C ILE B 228 -17.60 -38.76 41.58
N LEU B 229 -18.88 -38.42 41.68
CA LEU B 229 -19.35 -37.08 41.36
C LEU B 229 -19.76 -36.25 42.57
N LYS B 230 -20.05 -36.89 43.71
CA LYS B 230 -20.63 -36.17 44.84
C LYS B 230 -19.55 -35.47 45.68
N GLY B 231 -18.63 -36.25 46.25
CA GLY B 231 -17.64 -35.70 47.15
C GLY B 231 -16.28 -36.30 46.88
N GLN B 232 -15.26 -35.61 47.37
CA GLN B 232 -13.88 -36.01 47.11
C GLN B 232 -13.07 -36.11 48.40
N SER B 233 -13.05 -35.03 49.19
CA SER B 233 -12.26 -35.05 50.41
C SER B 233 -12.89 -35.94 51.47
N LEU B 234 -14.22 -36.02 51.51
CA LEU B 234 -14.90 -36.88 52.46
C LEU B 234 -14.54 -38.34 52.26
N LEU B 235 -14.42 -38.78 51.00
CA LEU B 235 -14.08 -40.16 50.72
C LEU B 235 -12.67 -40.52 51.16
N GLN B 236 -11.75 -39.55 51.16
CA GLN B 236 -10.41 -39.80 51.64
C GLN B 236 -10.33 -40.05 53.14
N ARG B 237 -11.40 -39.75 53.88
CA ARG B 237 -11.38 -39.91 55.33
C ARG B 237 -11.49 -41.37 55.75
N PHE B 238 -12.48 -42.10 55.22
CA PHE B 238 -12.71 -43.47 55.66
C PHE B 238 -11.56 -44.41 55.33
N ASN B 239 -10.73 -44.06 54.35
CA ASN B 239 -9.59 -44.90 54.02
C ASN B 239 -8.55 -44.91 55.14
N ARG B 240 -8.47 -43.83 55.92
CA ARG B 240 -7.56 -43.77 57.06
C ARG B 240 -7.83 -44.91 58.02
N TRP B 241 -9.00 -44.83 58.68
CA TRP B 241 -9.35 -45.83 59.66
C TRP B 241 -9.46 -47.22 59.02
N ASN B 242 -10.12 -47.29 57.87
CA ASN B 242 -10.26 -48.53 57.10
C ASN B 242 -10.84 -49.66 57.95
N GLN B 308 -17.18 -52.67 39.19
CA GLN B 308 -16.75 -51.81 40.29
C GLN B 308 -15.48 -52.36 40.93
N LEU B 309 -15.03 -53.51 40.42
CA LEU B 309 -13.80 -54.11 40.93
C LEU B 309 -12.60 -53.19 40.72
N ASN B 310 -12.60 -52.45 39.61
CA ASN B 310 -11.53 -51.48 39.38
C ASN B 310 -11.61 -50.31 40.36
N GLU B 311 -12.83 -49.92 40.76
CA GLU B 311 -12.99 -48.88 41.77
C GLU B 311 -12.46 -49.35 43.12
N VAL B 312 -12.78 -50.59 43.49
CA VAL B 312 -12.25 -51.15 44.73
C VAL B 312 -10.74 -51.28 44.63
N GLU B 313 -10.22 -51.46 43.42
CA GLU B 313 -8.78 -51.59 43.23
C GLU B 313 -8.09 -50.24 43.43
N ASN B 314 -8.62 -49.18 42.80
CA ASN B 314 -8.06 -47.85 43.03
C ASN B 314 -8.14 -47.46 44.50
N ASN B 315 -9.22 -47.85 45.20
CA ASN B 315 -9.26 -47.62 46.63
C ASN B 315 -8.29 -48.51 47.39
N ILE B 316 -7.87 -49.63 46.79
CA ILE B 316 -6.85 -50.46 47.41
C ILE B 316 -5.46 -49.82 47.24
N LYS B 317 -5.21 -49.20 46.09
CA LYS B 317 -4.02 -48.36 45.97
C LYS B 317 -4.06 -47.22 46.97
N LYS B 318 -5.25 -46.69 47.25
CA LYS B 318 -5.38 -45.70 48.31
C LYS B 318 -5.07 -46.30 49.68
N LYS B 319 -5.35 -47.59 49.87
CA LYS B 319 -4.92 -48.25 51.10
C LYS B 319 -3.40 -48.35 51.14
N ALA B 320 -2.78 -48.65 50.00
CA ALA B 320 -1.33 -48.57 49.89
C ALA B 320 -0.83 -47.16 50.22
N CYS B 321 -1.66 -46.15 49.98
CA CYS B 321 -1.31 -44.81 50.47
C CYS B 321 -1.48 -44.72 51.98
N CYS B 322 -2.39 -45.52 52.54
CA CYS B 322 -2.54 -45.51 54.00
C CYS B 322 -1.34 -46.13 54.68
N CYS B 323 -0.70 -47.12 54.04
CA CYS B 323 0.50 -47.73 54.62
C CYS B 323 1.62 -46.71 54.76
N GLU B 324 1.92 -45.97 53.68
CA GLU B 324 2.90 -44.90 53.77
C GLU B 324 2.40 -43.76 54.66
N GLY B 325 1.11 -43.65 54.87
CA GLY B 325 0.59 -42.60 55.75
C GLY B 325 0.31 -41.33 55.00
N PHE B 326 -0.68 -40.59 55.50
CA PHE B 326 -1.11 -39.33 54.87
C PHE B 326 -1.45 -38.30 55.93
N PRO B 327 -0.41 -37.72 56.62
CA PRO B 327 -0.72 -36.62 57.55
C PRO B 327 -1.09 -35.36 56.80
N PHE B 328 -2.09 -35.44 55.91
CA PHE B 328 -2.43 -34.31 55.06
C PHE B 328 -3.42 -33.36 55.71
N HIS B 329 -3.93 -33.66 56.91
CA HIS B 329 -4.88 -32.76 57.54
C HIS B 329 -4.27 -31.37 57.75
N GLU B 330 -3.02 -31.33 58.23
CA GLU B 330 -2.35 -30.04 58.43
C GLU B 330 -2.27 -29.25 57.13
N VAL B 331 -1.99 -29.94 56.03
CA VAL B 331 -1.91 -29.27 54.72
C VAL B 331 -3.29 -28.80 54.27
N ILE B 332 -4.31 -29.64 54.44
CA ILE B 332 -5.67 -29.30 54.02
C ILE B 332 -6.13 -28.03 54.71
N GLN B 333 -6.14 -28.01 56.04
CA GLN B 333 -6.60 -26.79 56.71
C GLN B 333 -5.62 -25.65 56.52
N GLU B 334 -4.36 -25.92 56.17
CA GLU B 334 -3.50 -24.84 55.72
C GLU B 334 -4.10 -24.18 54.47
N PHE B 335 -4.64 -25.00 53.56
CA PHE B 335 -5.26 -24.44 52.36
C PHE B 335 -6.60 -23.79 52.66
N LEU B 336 -7.41 -24.38 53.54
CA LEU B 336 -8.78 -23.93 53.75
C LEU B 336 -8.87 -22.74 54.71
N LEU B 337 -8.01 -22.70 55.72
CA LEU B 337 -8.04 -21.61 56.68
C LEU B 337 -7.63 -20.29 56.04
N ASN B 338 -8.38 -19.25 56.37
CA ASN B 338 -8.07 -17.89 55.94
C ASN B 338 -7.55 -17.12 57.14
N LYS B 339 -6.28 -16.72 57.07
CA LYS B 339 -5.66 -15.90 58.10
C LYS B 339 -5.39 -14.48 57.64
N ASP B 340 -5.55 -14.22 56.34
CA ASP B 340 -5.27 -12.90 55.78
C ASP B 340 -6.40 -11.94 56.13
N LYS B 341 -6.03 -10.69 56.39
CA LYS B 341 -6.98 -9.65 56.74
C LYS B 341 -6.54 -8.35 56.08
N LEU B 342 -7.47 -7.40 56.00
CA LEU B 342 -7.18 -6.09 55.46
C LEU B 342 -7.25 -5.06 56.58
N VAL B 343 -6.18 -4.30 56.74
CA VAL B 343 -6.09 -3.29 57.80
C VAL B 343 -6.62 -1.94 57.34
N LYS B 344 -6.34 -1.58 56.09
CA LYS B 344 -6.65 -0.25 55.56
C LYS B 344 -7.31 -0.39 54.20
N VAL B 345 -8.14 0.59 53.86
CA VAL B 345 -8.80 0.58 52.56
C VAL B 345 -7.77 0.66 51.45
N ILE B 346 -7.96 -0.15 50.41
CA ILE B 346 -7.06 -0.13 49.26
C ILE B 346 -7.27 1.18 48.52
N ARG B 347 -6.19 1.95 48.33
CA ARG B 347 -6.27 3.27 47.76
C ARG B 347 -5.14 3.49 46.78
N TYR B 348 -5.42 4.26 45.73
CA TYR B 348 -4.44 4.67 44.75
C TYR B 348 -4.20 6.16 44.86
N GLN B 349 -2.93 6.57 44.82
CA GLN B 349 -2.56 7.97 44.93
C GLN B 349 -1.75 8.41 43.72
N ARG B 350 -1.68 9.72 43.53
CA ARG B 350 -0.97 10.27 42.40
C ARG B 350 0.53 10.00 42.55
N PRO B 351 1.22 9.64 41.47
CA PRO B 351 2.66 9.41 41.56
C PRO B 351 3.40 10.67 41.97
N ASP B 352 4.39 10.52 42.84
CA ASP B 352 5.18 11.64 43.31
C ASP B 352 6.40 11.77 42.40
N LEU B 353 6.46 12.86 41.64
CA LEU B 353 7.56 13.06 40.70
C LEU B 353 8.87 13.29 41.44
N LEU B 354 8.85 14.07 42.53
CA LEU B 354 10.07 14.34 43.27
C LEU B 354 10.59 13.09 43.97
N LEU B 355 9.73 12.41 44.72
CA LEU B 355 10.13 11.18 45.40
C LEU B 355 10.57 10.12 44.40
N PHE B 356 9.95 10.09 43.22
CA PHE B 356 10.34 9.12 42.20
C PHE B 356 11.73 9.46 41.63
N GLN B 357 12.01 10.74 41.40
CA GLN B 357 13.35 11.13 40.97
C GLN B 357 14.40 10.74 41.99
N ARG B 358 14.14 11.03 43.27
CA ARG B 358 15.12 10.70 44.31
C ARG B 358 15.33 9.19 44.40
N PHE B 359 14.23 8.43 44.42
CA PHE B 359 14.33 6.99 44.57
C PHE B 359 15.06 6.36 43.39
N THR B 360 14.62 6.67 42.17
CA THR B 360 15.26 6.09 40.99
C THR B 360 16.71 6.54 40.88
N LEU B 361 17.03 7.75 41.34
CA LEU B 361 18.41 8.21 41.31
C LEU B 361 19.29 7.38 42.24
N GLU B 362 18.92 7.32 43.52
CA GLU B 362 19.79 6.65 44.48
C GLU B 362 19.74 5.13 44.38
N LYS B 363 18.66 4.56 43.86
CA LYS B 363 18.50 3.11 43.80
C LYS B 363 18.81 2.52 42.43
N MET B 364 18.50 3.22 41.34
CA MET B 364 18.78 2.70 40.01
C MET B 364 19.68 3.62 39.20
N GLU B 365 20.19 4.71 39.78
CA GLU B 365 21.09 5.63 39.10
C GLU B 365 20.46 6.21 37.82
N TRP B 366 19.18 6.56 37.92
CA TRP B 366 18.45 7.21 36.83
C TRP B 366 18.61 8.72 36.91
N PRO B 367 19.01 9.39 35.83
CA PRO B 367 19.00 10.86 35.84
C PRO B 367 17.59 11.38 36.09
N ASN B 368 17.52 12.53 36.76
CA ASN B 368 16.24 13.11 37.14
C ASN B 368 15.35 13.33 35.92
N HIS B 369 15.94 13.79 34.81
CA HIS B 369 15.16 14.00 33.59
C HIS B 369 14.66 12.68 33.01
N TYR B 370 15.46 11.62 33.09
CA TYR B 370 15.00 10.32 32.61
C TYR B 370 13.84 9.82 33.45
N ALA B 371 13.95 9.91 34.78
CA ALA B 371 12.86 9.50 35.65
C ALA B 371 11.59 10.31 35.37
N CYS B 372 11.74 11.62 35.16
CA CYS B 372 10.58 12.44 34.81
C CYS B 372 9.97 11.99 33.49
N GLU B 373 10.80 11.71 32.49
CA GLU B 373 10.30 11.27 31.20
C GLU B 373 9.54 9.96 31.32
N LYS B 374 10.00 9.06 32.19
CA LYS B 374 9.34 7.77 32.34
C LYS B 374 8.08 7.87 33.19
N LEU B 375 8.01 8.84 34.11
CA LEU B 375 6.85 8.99 34.97
C LEU B 375 5.76 9.85 34.36
N LEU B 376 6.08 10.63 33.32
CA LEU B 376 5.11 11.57 32.75
C LEU B 376 3.83 10.85 32.30
N VAL B 377 3.98 9.67 31.68
CA VAL B 377 2.80 8.97 31.19
C VAL B 377 1.93 8.49 32.35
N LEU B 378 2.55 8.15 33.48
CA LEU B 378 1.76 7.75 34.65
C LEU B 378 1.05 8.94 35.26
N LEU B 379 1.72 10.10 35.30
CA LEU B 379 1.04 11.32 35.77
C LEU B 379 -0.16 11.64 34.90
N THR B 380 0.05 11.70 33.57
CA THR B 380 -1.05 12.02 32.66
C THR B 380 -2.19 11.02 32.81
N HIS B 381 -1.87 9.73 32.91
CA HIS B 381 -2.92 8.73 33.04
C HIS B 381 -3.72 8.93 34.33
N TYR B 382 -3.02 9.16 35.45
CA TYR B 382 -3.74 9.35 36.71
C TYR B 382 -4.65 10.57 36.65
N ASP B 383 -4.12 11.70 36.15
CA ASP B 383 -4.93 12.90 36.09
C ASP B 383 -6.12 12.73 35.17
N MET B 384 -5.91 12.09 34.01
CA MET B 384 -7.02 11.85 33.09
C MET B 384 -8.08 10.95 33.74
N ILE B 385 -7.64 9.96 34.51
CA ILE B 385 -8.60 9.09 35.20
C ILE B 385 -9.41 9.89 36.21
N GLU B 386 -8.74 10.75 36.99
CA GLU B 386 -9.47 11.56 37.97
C GLU B 386 -10.47 12.48 37.30
N ARG B 387 -10.05 13.17 36.23
CA ARG B 387 -10.96 14.07 35.52
C ARG B 387 -12.14 13.30 34.94
N LYS B 388 -11.90 12.10 34.41
CA LYS B 388 -13.00 11.26 33.93
C LYS B 388 -13.94 10.90 35.09
N LEU B 389 -13.38 10.67 36.27
CA LEU B 389 -14.19 10.42 37.47
C LEU B 389 -14.96 11.66 37.89
N GLY B 390 -14.54 12.84 37.45
CA GLY B 390 -15.25 14.07 37.73
C GLY B 390 -14.63 14.97 38.76
N SER B 391 -13.40 14.69 39.20
CA SER B 391 -12.67 15.52 40.14
C SER B 391 -11.54 16.23 39.40
N ARG B 392 -11.49 17.55 39.53
CA ARG B 392 -10.50 18.37 38.84
C ARG B 392 -9.80 19.26 39.84
N ASN B 393 -8.47 19.31 39.77
CA ASN B 393 -7.67 20.09 40.69
C ASN B 393 -6.71 20.97 39.89
N SER B 394 -6.16 21.99 40.57
CA SER B 394 -5.21 22.87 39.92
C SER B 394 -3.86 22.19 39.74
N ASN B 395 -3.52 21.24 40.62
CA ASN B 395 -2.24 20.55 40.55
C ASN B 395 -2.18 19.55 39.41
N GLN B 396 -3.31 19.23 38.78
CA GLN B 396 -3.32 18.31 37.66
C GLN B 396 -2.58 18.91 36.47
N LEU B 397 -2.02 18.05 35.63
CA LEU B 397 -1.32 18.50 34.46
C LEU B 397 -2.28 19.16 33.48
N GLN B 398 -1.81 20.20 32.80
CA GLN B 398 -2.60 20.93 31.84
C GLN B 398 -2.02 20.73 30.45
N PRO B 399 -2.82 20.29 29.48
CA PRO B 399 -2.31 20.16 28.11
C PRO B 399 -2.20 21.53 27.45
N ILE B 400 -1.04 21.76 26.83
CA ILE B 400 -0.84 22.95 26.01
C ILE B 400 -1.72 22.88 24.75
N ARG B 401 -1.65 21.77 24.03
CA ARG B 401 -2.36 21.63 22.77
C ARG B 401 -2.35 20.16 22.36
N ILE B 402 -3.21 19.84 21.41
CA ILE B 402 -3.16 18.57 20.70
C ILE B 402 -2.35 18.77 19.43
N VAL B 403 -1.26 18.02 19.28
CA VAL B 403 -0.38 18.18 18.12
C VAL B 403 -1.01 17.56 16.89
N LYS B 404 -1.35 16.27 16.97
CA LYS B 404 -1.92 15.56 15.82
C LYS B 404 -2.53 14.26 16.32
N THR B 405 -3.46 13.73 15.54
CA THR B 405 -3.98 12.39 15.82
C THR B 405 -2.92 11.36 15.45
N ARG B 406 -2.85 10.30 16.25
CA ARG B 406 -1.91 9.22 16.03
C ARG B 406 -2.61 7.88 16.23
N ILE B 407 -1.94 6.81 15.80
CA ILE B 407 -2.44 5.45 15.98
C ILE B 407 -1.34 4.65 16.66
N ARG B 408 -1.71 3.93 17.72
CA ARG B 408 -0.76 3.13 18.48
C ARG B 408 -1.37 1.76 18.71
N ASN B 409 -0.79 0.73 18.07
CA ASN B 409 -1.28 -0.64 18.18
C ASN B 409 -2.75 -0.73 17.81
N GLY B 410 -3.13 0.00 16.76
CA GLY B 410 -4.51 0.02 16.32
C GLY B 410 -5.46 0.84 17.17
N VAL B 411 -4.95 1.64 18.10
CA VAL B 411 -5.77 2.46 18.98
C VAL B 411 -5.65 3.91 18.53
N HIS B 412 -6.79 4.58 18.46
CA HIS B 412 -6.81 6.00 18.11
C HIS B 412 -6.37 6.85 19.29
N CYS B 413 -5.42 7.75 19.04
CA CYS B 413 -4.76 8.50 20.10
C CYS B 413 -4.55 9.94 19.65
N PHE B 414 -4.19 10.78 20.63
CA PHE B 414 -3.75 12.14 20.40
C PHE B 414 -2.30 12.26 20.87
N GLU B 415 -1.51 13.04 20.13
CA GLU B 415 -0.19 13.46 20.58
C GLU B 415 -0.37 14.75 21.37
N ILE B 416 -0.13 14.70 22.68
CA ILE B 416 -0.40 15.82 23.58
C ILE B 416 0.92 16.44 24.00
N GLU B 417 1.03 17.75 23.81
CA GLU B 417 2.11 18.55 24.39
C GLU B 417 1.60 19.10 25.72
N TRP B 418 2.36 18.87 26.79
CA TRP B 418 1.95 19.27 28.13
C TRP B 418 2.81 20.41 28.64
N GLU B 419 2.34 21.05 29.69
CA GLU B 419 3.09 22.06 30.41
C GLU B 419 3.96 21.43 31.49
N LYS B 420 5.14 22.02 31.71
CA LYS B 420 6.11 21.47 32.66
C LYS B 420 5.56 21.49 34.08
N PRO B 421 5.38 20.33 34.71
CA PRO B 421 4.92 20.30 36.09
C PRO B 421 6.02 20.71 37.05
N GLU B 422 5.63 20.88 38.31
CA GLU B 422 6.60 21.23 39.36
C GLU B 422 7.58 20.10 39.57
N HIS B 423 8.84 20.45 39.76
CA HIS B 423 9.93 19.52 40.04
C HIS B 423 10.23 18.60 38.85
N TYR B 424 9.84 18.99 37.64
CA TYR B 424 10.16 18.23 36.44
C TYR B 424 11.52 18.69 35.92
N ALA B 425 12.40 17.73 35.67
CA ALA B 425 13.76 18.01 35.19
C ALA B 425 13.82 17.78 33.69
N MET B 426 14.44 18.73 32.99
CA MET B 426 14.61 18.68 31.55
C MET B 426 16.06 18.35 31.20
N GLU B 427 16.24 17.51 30.17
CA GLU B 427 17.59 17.24 29.68
C GLU B 427 18.17 18.45 28.98
N ASP B 428 17.46 18.98 27.99
CA ASP B 428 17.90 20.15 27.24
C ASP B 428 17.39 21.40 27.94
N LYS B 429 18.30 22.31 28.27
CA LYS B 429 17.90 23.52 28.98
C LYS B 429 17.07 24.45 28.10
N GLN B 430 17.49 24.65 26.84
CA GLN B 430 16.83 25.62 25.97
C GLN B 430 15.65 25.03 25.21
N HIS B 431 15.71 23.76 24.82
CA HIS B 431 14.66 23.14 24.02
C HIS B 431 13.90 22.06 24.78
N GLY B 432 14.24 21.82 26.05
CA GLY B 432 13.59 20.76 26.81
C GLY B 432 12.08 20.91 26.88
N GLU B 433 11.58 22.14 26.89
CA GLU B 433 10.16 22.38 27.03
C GLU B 433 9.35 21.92 25.82
N PHE B 434 9.98 21.87 24.65
CA PHE B 434 9.35 21.22 23.50
C PHE B 434 9.22 19.71 23.69
N ALA B 435 10.18 19.10 24.41
CA ALA B 435 10.23 17.65 24.53
C ALA B 435 9.05 17.08 25.30
N LEU B 436 8.45 17.84 26.21
CA LEU B 436 7.34 17.33 27.00
C LEU B 436 6.16 16.91 26.12
N LEU B 437 6.06 15.63 25.83
CA LEU B 437 5.07 15.11 24.90
C LEU B 437 4.67 13.71 25.31
N THR B 438 3.40 13.38 25.06
CA THR B 438 2.87 12.03 25.32
C THR B 438 1.91 11.67 24.19
N ILE B 439 1.41 10.44 24.24
CA ILE B 439 0.44 9.92 23.28
C ILE B 439 -0.63 9.19 24.09
N GLU B 440 -1.85 9.73 24.10
CA GLU B 440 -2.91 9.25 24.96
C GLU B 440 -4.10 8.77 24.15
N GLU B 441 -4.83 7.80 24.69
CA GLU B 441 -6.01 7.30 24.01
C GLU B 441 -7.06 8.41 23.85
N GLU B 442 -7.66 8.47 22.65
CA GLU B 442 -8.64 9.51 22.36
C GLU B 442 -9.79 9.48 23.34
N SER B 443 -10.28 8.28 23.70
CA SER B 443 -11.42 8.18 24.60
C SER B 443 -11.13 8.82 25.95
N LEU B 444 -10.07 8.36 26.62
CA LEU B 444 -9.76 8.89 27.94
C LEU B 444 -9.40 10.37 27.89
N PHE B 445 -8.67 10.79 26.86
CA PHE B 445 -8.29 12.20 26.79
C PHE B 445 -9.51 13.08 26.55
N GLU B 446 -10.46 12.61 25.73
CA GLU B 446 -11.69 13.36 25.54
C GLU B 446 -12.50 13.43 26.82
N ALA B 447 -12.52 12.35 27.59
CA ALA B 447 -13.18 12.38 28.89
C ALA B 447 -12.52 13.36 29.84
N ALA B 448 -11.20 13.56 29.71
CA ALA B 448 -10.48 14.42 30.64
C ALA B 448 -10.57 15.90 30.24
N TYR B 449 -10.25 16.22 28.99
CA TYR B 449 -10.17 17.61 28.51
C TYR B 449 -11.05 17.79 27.28
N PRO B 450 -12.38 17.75 27.47
CA PRO B 450 -13.28 17.90 26.32
C PRO B 450 -13.17 19.25 25.64
N GLU B 451 -12.75 20.29 26.37
CA GLU B 451 -12.57 21.60 25.77
C GLU B 451 -11.42 21.59 24.78
N ILE B 452 -10.29 21.00 25.17
CA ILE B 452 -9.15 20.87 24.25
C ILE B 452 -9.55 20.07 23.03
N VAL B 453 -10.21 18.92 23.25
CA VAL B 453 -10.65 18.13 22.10
C VAL B 453 -11.59 18.96 21.22
N ALA B 454 -12.38 19.84 21.83
CA ALA B 454 -13.32 20.66 21.08
C ALA B 454 -12.61 21.65 20.18
N VAL B 455 -11.58 22.33 20.70
CA VAL B 455 -10.88 23.28 19.84
C VAL B 455 -10.11 22.56 18.73
N TYR B 456 -9.59 21.36 19.02
CA TYR B 456 -8.93 20.60 17.95
C TYR B 456 -9.93 20.25 16.84
N GLN B 457 -11.08 19.69 17.22
CA GLN B 457 -12.09 19.36 16.21
C GLN B 457 -12.57 20.60 15.48
N LYS B 458 -12.55 21.77 16.13
CA LYS B 458 -12.87 23.01 15.45
C LYS B 458 -11.85 23.30 14.35
N GLN B 459 -10.56 23.17 14.68
CA GLN B 459 -9.53 23.38 13.66
C GLN B 459 -9.69 22.39 12.50
N LYS B 460 -10.09 21.15 12.81
CA LYS B 460 -10.32 20.18 11.75
C LYS B 460 -11.48 20.59 10.86
N LEU B 461 -12.57 21.10 11.46
CA LEU B 461 -13.66 21.63 10.64
C LEU B 461 -13.18 22.80 9.79
N GLU B 462 -12.22 23.58 10.30
CA GLU B 462 -11.70 24.70 9.53
C GLU B 462 -10.87 24.23 8.34
N ILE B 463 -10.10 23.15 8.51
CA ILE B 463 -9.31 22.67 7.38
C ILE B 463 -10.20 21.99 6.35
N LYS B 464 -11.24 21.26 6.81
CA LYS B 464 -12.17 20.65 5.86
C LYS B 464 -12.97 21.71 5.11
N GLY B 465 -13.30 22.82 5.78
CA GLY B 465 -13.96 23.91 5.09
C GLY B 465 -13.05 24.66 4.13
N LYS B 466 -11.76 24.78 4.48
CA LYS B 466 -10.82 25.44 3.60
C LYS B 466 -10.51 24.61 2.37
N LYS B 467 -10.50 23.28 2.49
CA LYS B 467 -10.20 22.43 1.35
C LYS B 467 -11.21 22.62 0.22
N GLN B 468 -12.48 22.79 0.57
CA GLN B 468 -13.55 22.91 -0.42
C GLN B 468 -14.46 24.08 -0.12
#